data_3VX8
#
_entry.id   3VX8
#
_cell.length_a   101.520
_cell.length_b   132.683
_cell.length_c   102.805
_cell.angle_alpha   90.000
_cell.angle_beta   90.000
_cell.angle_gamma   90.000
#
_symmetry.space_group_name_H-M   'P 2 2 21'
#
loop_
_entity.id
_entity.type
_entity.pdbx_description
1 polymer 'Ubiquitin-like modifier-activating enzyme atg7'
2 polymer 'Autophagy-related protein 3'
3 water water
#
loop_
_entity_poly.entity_id
_entity_poly.type
_entity_poly.pdbx_seq_one_letter_code
_entity_poly.pdbx_strand_id
1 'polypeptide(L)'
;GPHMPAIILQFAPLNSSVDEGFWHSFSSLKLDKLGIDDSPISITGFYGPCGHPQVSNHLTLLSESLPLDEQSLIASTSHG
NRNKCPVPGILYNTNTVESFNKLDKQSLLKAEANKIWEDIQSGKALEDPSVLPRFLVISFADLKKWSFRYWFAFPAFVLD
PPVSLIELKPASEYFSSEEAESVSAACNDWRDSDLTTDVPFFLVSVSSDSKASIRHLKDLEACQGDHQKLLFGFYDPCHL
PSNPGWPLRNYLALIRSRWNLETVWFFCYRESRGFADLNLSLVGQASITLSSGESAETVPNSVGWELNKGKRVPRSISLA
NSM
;
D,A
2 'polypeptide(L)'
;GPHMAFKEKGVLSVSEFVLAGDNLVSKCPTWSWESGDASKRKPYLPSDKQFLITRNVPCLRRAASVAEDYEAAGGEVLVD
DEDNDGWLATHGKPKDKGKEEDNLPSMDALDINEKNTIQSIPTYFGGEEDDDIPDMEEFDEADNVVENDPATLQSTYLVA
HEPDDDNILRTRTYDLSITYDKYYQTPRVWLTGYDESRMLLQPELVMEDVSQDHARKTVTIEDHPHLPGKHASVHPCRHG
AVMKKIIDVLMSRGVEPEVDKYLFLFLKFMASVIPTIEYDYTMDFDLGSSST
;
B,C
#
# COMPACT_ATOMS: atom_id res chain seq x y z
N ILE A 7 -9.07 -7.09 56.09
CA ILE A 7 -9.25 -7.46 54.65
C ILE A 7 -7.99 -7.17 53.86
N ILE A 8 -7.52 -8.18 53.12
CA ILE A 8 -6.34 -8.02 52.25
C ILE A 8 -6.71 -7.43 50.89
N LEU A 9 -5.90 -6.47 50.44
CA LEU A 9 -6.13 -5.74 49.20
C LEU A 9 -5.78 -6.60 47.98
N GLN A 10 -6.81 -7.05 47.28
CA GLN A 10 -6.64 -7.84 46.07
C GLN A 10 -6.44 -6.95 44.85
N PHE A 11 -5.43 -7.28 44.05
CA PHE A 11 -5.14 -6.54 42.83
C PHE A 11 -5.67 -7.27 41.59
N ALA A 12 -6.19 -6.51 40.63
CA ALA A 12 -6.70 -7.07 39.39
C ALA A 12 -5.56 -7.27 38.40
N PRO A 13 -5.47 -8.49 37.83
CA PRO A 13 -4.39 -8.84 36.90
C PRO A 13 -4.35 -7.89 35.69
N LEU A 14 -3.16 -7.41 35.36
CA LEU A 14 -2.98 -6.59 34.17
C LEU A 14 -2.91 -7.50 32.95
N ASN A 15 -3.64 -7.15 31.90
CA ASN A 15 -3.64 -7.91 30.65
C ASN A 15 -2.83 -7.23 29.56
N SER A 16 -2.39 -8.02 28.58
CA SER A 16 -1.56 -7.51 27.50
C SER A 16 -2.31 -7.44 26.17
N SER A 17 -1.80 -6.59 25.28
CA SER A 17 -2.32 -6.48 23.93
C SER A 17 -1.17 -6.27 22.97
N VAL A 18 -1.07 -7.15 21.98
CA VAL A 18 -0.04 -7.00 20.95
C VAL A 18 -0.72 -6.68 19.62
N ASP A 19 -0.41 -5.50 19.10
CA ASP A 19 -0.87 -5.11 17.78
C ASP A 19 -0.13 -5.95 16.75
N GLU A 20 -0.82 -6.28 15.67
CA GLU A 20 -0.25 -7.05 14.57
C GLU A 20 1.08 -6.47 14.11
N GLY A 21 1.15 -5.14 14.06
CA GLY A 21 2.35 -4.41 13.64
C GLY A 21 3.62 -4.80 14.36
N PHE A 22 3.54 -5.02 15.68
CA PHE A 22 4.72 -5.38 16.47
C PHE A 22 5.43 -6.60 15.93
N TRP A 23 4.66 -7.65 15.64
CA TRP A 23 5.22 -8.92 15.15
C TRP A 23 5.80 -8.80 13.76
N HIS A 24 5.16 -7.99 12.91
CA HIS A 24 5.67 -7.71 11.58
C HIS A 24 7.03 -7.02 11.67
N SER A 25 7.06 -5.91 12.40
CA SER A 25 8.27 -5.12 12.56
C SER A 25 9.41 -5.90 13.20
N PHE A 26 9.09 -6.71 14.20
CA PHE A 26 10.09 -7.53 14.87
C PHE A 26 10.69 -8.57 13.96
N SER A 27 9.86 -9.17 13.11
CA SER A 27 10.31 -10.15 12.13
C SER A 27 11.32 -9.51 11.17
N SER A 28 11.02 -8.28 10.73
CA SER A 28 11.94 -7.51 9.90
C SER A 28 13.24 -7.25 10.63
N LEU A 29 13.14 -6.90 11.91
CA LEU A 29 14.32 -6.62 12.74
C LEU A 29 15.18 -7.87 12.91
N LYS A 30 14.55 -9.00 13.21
CA LYS A 30 15.23 -10.28 13.45
C LYS A 30 15.91 -10.83 12.18
N LEU A 31 15.23 -10.74 11.05
CA LEU A 31 15.77 -11.23 9.78
C LEU A 31 16.90 -10.38 9.23
N ASP A 32 16.68 -9.06 9.19
CA ASP A 32 17.65 -8.11 8.62
C ASP A 32 18.83 -7.82 9.56
N LYS A 33 18.51 -7.39 10.78
CA LYS A 33 19.51 -6.87 11.71
C LYS A 33 20.12 -7.94 12.65
N LEU A 34 19.28 -8.57 13.47
CA LEU A 34 19.75 -9.45 14.55
C LEU A 34 20.39 -10.77 14.07
N GLY A 35 19.71 -11.46 13.16
CA GLY A 35 20.18 -12.77 12.69
C GLY A 35 20.10 -13.80 13.79
N ILE A 36 21.22 -14.45 14.08
CA ILE A 36 21.30 -15.48 15.11
C ILE A 36 21.20 -14.92 16.54
N ASP A 37 21.59 -13.66 16.71
CA ASP A 37 21.63 -12.99 18.01
C ASP A 37 20.30 -13.12 18.77
N ASP A 38 20.30 -13.96 19.82
CA ASP A 38 19.10 -14.18 20.63
C ASP A 38 19.17 -13.40 21.95
N SER A 39 20.05 -12.40 22.00
CA SER A 39 20.23 -11.55 23.17
C SER A 39 18.96 -10.78 23.52
N PRO A 40 18.78 -10.45 24.82
CA PRO A 40 17.66 -9.59 25.22
C PRO A 40 17.63 -8.26 24.47
N ILE A 41 16.43 -7.79 24.16
CA ILE A 41 16.22 -6.56 23.43
C ILE A 41 15.25 -5.69 24.24
N SER A 42 15.60 -4.42 24.42
CA SER A 42 14.75 -3.51 25.18
C SER A 42 13.61 -2.99 24.31
N ILE A 43 12.40 -3.05 24.85
CA ILE A 43 11.20 -2.59 24.15
C ILE A 43 10.38 -1.66 25.03
N THR A 44 9.48 -0.90 24.43
CA THR A 44 8.65 0.05 25.17
C THR A 44 7.17 -0.33 25.10
N GLY A 45 6.56 -0.51 26.26
CA GLY A 45 5.13 -0.78 26.34
C GLY A 45 4.33 0.51 26.47
N PHE A 46 3.07 0.47 26.06
CA PHE A 46 2.18 1.61 26.19
C PHE A 46 0.89 1.20 26.88
N TYR A 47 0.42 2.06 27.78
CA TYR A 47 -0.86 1.83 28.46
C TYR A 47 -1.47 3.16 28.88
N GLY A 48 -2.59 3.10 29.58
CA GLY A 48 -3.25 4.30 30.07
C GLY A 48 -4.41 4.01 31.00
N PRO A 49 -4.93 5.05 31.67
CA PRO A 49 -6.10 4.91 32.53
C PRO A 49 -7.30 4.36 31.79
N CYS A 50 -8.07 3.52 32.46
CA CYS A 50 -9.29 2.91 31.92
C CYS A 50 -10.22 3.96 31.30
N GLY A 51 -10.40 3.90 29.99
CA GLY A 51 -11.15 4.92 29.25
C GLY A 51 -12.65 4.70 29.15
N HIS A 52 -13.11 3.51 29.55
CA HIS A 52 -14.53 3.16 29.48
C HIS A 52 -14.91 2.27 30.68
N PRO A 53 -16.09 2.52 31.28
CA PRO A 53 -16.61 1.79 32.44
C PRO A 53 -16.49 0.25 32.41
N GLN A 54 -16.83 -0.37 31.29
CA GLN A 54 -17.03 -1.83 31.23
C GLN A 54 -15.86 -2.70 30.76
N VAL A 55 -14.84 -2.09 30.17
CA VAL A 55 -13.66 -2.83 29.69
C VAL A 55 -12.39 -2.11 30.12
N SER A 56 -11.50 -2.83 30.79
CA SER A 56 -10.22 -2.28 31.25
C SER A 56 -9.19 -2.16 30.13
N ASN A 57 -8.27 -1.20 30.28
CA ASN A 57 -7.18 -0.99 29.33
C ASN A 57 -6.09 -2.05 29.50
N HIS A 58 -5.17 -2.12 28.54
CA HIS A 58 -4.11 -3.13 28.54
C HIS A 58 -2.74 -2.48 28.35
N LEU A 59 -1.68 -3.17 28.77
CA LEU A 59 -0.33 -2.77 28.38
C LEU A 59 -0.11 -3.22 26.94
N THR A 60 -0.43 -2.33 26.01
CA THR A 60 -0.30 -2.63 24.60
C THR A 60 1.10 -2.28 24.08
N LEU A 61 1.68 -3.18 23.30
CA LEU A 61 2.91 -2.87 22.55
C LEU A 61 2.67 -2.89 21.04
N LEU A 62 3.26 -1.89 20.37
CA LEU A 62 3.03 -1.64 18.95
C LEU A 62 4.35 -1.68 18.19
N SER A 63 4.35 -1.15 16.97
CA SER A 63 5.57 -1.03 16.17
C SER A 63 6.57 -0.07 16.81
N GLU A 64 6.06 1.01 17.41
CA GLU A 64 6.87 2.04 18.07
C GLU A 64 7.73 1.48 19.22
N SER A 65 7.37 0.29 19.70
CA SER A 65 8.05 -0.38 20.80
C SER A 65 9.51 -0.73 20.50
N LEU A 66 9.80 -0.98 19.23
CA LEU A 66 11.16 -1.29 18.79
C LEU A 66 11.94 0.00 18.49
N PRO A 67 13.29 -0.02 18.66
CA PRO A 67 14.13 1.19 18.57
C PRO A 67 13.96 2.00 17.28
N GLY A 80 5.81 12.38 24.04
CA GLY A 80 5.00 11.18 23.91
C GLY A 80 3.52 11.47 23.65
N ASN A 81 2.72 10.40 23.60
CA ASN A 81 1.29 10.51 23.31
C ASN A 81 0.40 10.45 24.54
N ARG A 82 -0.81 10.99 24.42
CA ARG A 82 -1.81 10.99 25.48
C ARG A 82 -2.23 9.58 25.88
N ASN A 83 -2.55 8.75 24.88
CA ASN A 83 -3.03 7.38 25.13
C ASN A 83 -1.94 6.31 24.98
N LYS A 84 -0.69 6.74 25.07
CA LYS A 84 0.45 5.86 24.94
C LYS A 84 1.52 6.30 25.95
N CYS A 85 1.41 5.78 27.17
CA CYS A 85 2.37 6.07 28.23
C CYS A 85 3.55 5.12 28.11
N PRO A 86 4.75 5.66 27.82
CA PRO A 86 5.94 4.83 27.63
C PRO A 86 6.36 4.13 28.92
N VAL A 87 6.52 2.82 28.84
CA VAL A 87 6.97 2.00 29.95
C VAL A 87 8.15 1.14 29.46
N PRO A 88 9.29 1.21 30.16
CA PRO A 88 10.45 0.40 29.77
C PRO A 88 10.20 -1.10 29.97
N GLY A 89 10.68 -1.90 29.03
CA GLY A 89 10.51 -3.35 29.07
C GLY A 89 11.63 -4.10 28.39
N ILE A 90 11.52 -5.42 28.39
CA ILE A 90 12.56 -6.28 27.84
C ILE A 90 11.93 -7.48 27.13
N LEU A 91 12.51 -7.84 25.99
CA LEU A 91 11.98 -8.92 25.16
C LEU A 91 13.03 -10.00 24.97
N TYR A 92 12.73 -11.19 25.48
CA TYR A 92 13.60 -12.36 25.31
C TYR A 92 13.04 -13.26 24.22
N ASN A 93 13.57 -13.13 23.00
CA ASN A 93 13.15 -14.00 21.90
C ASN A 93 14.16 -15.09 21.61
N THR A 94 13.69 -16.32 21.63
CA THR A 94 14.54 -17.49 21.40
C THR A 94 14.64 -17.80 19.91
N ASN A 95 15.63 -18.62 19.55
CA ASN A 95 15.76 -19.08 18.17
C ASN A 95 14.90 -20.32 17.88
N THR A 96 14.92 -21.28 18.80
CA THR A 96 14.14 -22.51 18.65
C THR A 96 13.02 -22.60 19.69
N VAL A 97 11.99 -23.40 19.40
CA VAL A 97 10.88 -23.62 20.34
C VAL A 97 11.40 -24.26 21.63
N GLU A 98 12.45 -25.08 21.48
CA GLU A 98 13.08 -25.78 22.61
C GLU A 98 13.64 -24.78 23.61
N SER A 99 14.43 -23.81 23.10
CA SER A 99 15.01 -22.75 23.92
C SER A 99 13.94 -21.99 24.71
N PHE A 100 12.80 -21.74 24.09
CA PHE A 100 11.66 -21.10 24.74
C PHE A 100 11.16 -21.92 25.91
N ASN A 101 11.11 -23.24 25.73
CA ASN A 101 10.60 -24.14 26.76
C ASN A 101 11.55 -24.34 27.95
N LYS A 102 12.86 -24.35 27.67
CA LYS A 102 13.88 -24.53 28.70
C LYS A 102 14.30 -23.20 29.31
N LEU A 103 13.70 -22.11 28.81
CA LEU A 103 13.91 -20.76 29.33
C LEU A 103 13.47 -20.66 30.79
N ASP A 104 14.32 -20.10 31.65
CA ASP A 104 14.06 -20.02 33.09
C ASP A 104 13.14 -18.86 33.44
N LYS A 105 11.87 -19.19 33.69
CA LYS A 105 10.84 -18.19 33.96
C LYS A 105 11.09 -17.41 35.26
N GLN A 106 11.36 -18.13 36.35
CA GLN A 106 11.50 -17.52 37.68
C GLN A 106 12.69 -16.58 37.80
N SER A 107 13.84 -16.96 37.25
CA SER A 107 15.06 -16.16 37.38
C SER A 107 15.16 -15.03 36.34
N LEU A 108 14.10 -14.86 35.55
CA LEU A 108 14.00 -13.73 34.62
C LEU A 108 12.99 -12.70 35.13
N LEU A 109 11.92 -13.19 35.75
CA LEU A 109 10.95 -12.35 36.43
C LEU A 109 11.62 -11.61 37.59
N LYS A 110 12.43 -12.34 38.35
CA LYS A 110 13.16 -11.78 39.49
C LYS A 110 14.28 -10.86 39.06
N ALA A 111 14.86 -11.12 37.89
CA ALA A 111 15.96 -10.33 37.35
C ALA A 111 15.49 -8.93 36.95
N GLU A 112 14.27 -8.86 36.41
CA GLU A 112 13.67 -7.60 35.98
C GLU A 112 12.99 -6.87 37.13
N ALA A 113 12.63 -7.62 38.17
CA ALA A 113 12.11 -7.05 39.41
C ALA A 113 13.24 -6.36 40.18
N ASN A 114 14.43 -6.96 40.11
CA ASN A 114 15.63 -6.41 40.74
C ASN A 114 16.02 -5.04 40.18
N LYS A 115 15.71 -4.81 38.91
CA LYS A 115 15.87 -3.49 38.29
C LYS A 115 14.92 -2.48 38.92
N ILE A 116 13.66 -2.89 39.12
CA ILE A 116 12.64 -2.05 39.72
C ILE A 116 13.03 -1.64 41.15
N TRP A 117 13.57 -2.60 41.89
CA TRP A 117 14.06 -2.37 43.25
C TRP A 117 15.24 -1.40 43.27
N GLU A 118 16.23 -1.65 42.42
CA GLU A 118 17.41 -0.79 42.28
C GLU A 118 17.06 0.68 42.05
N ASP A 119 16.05 0.92 41.22
CA ASP A 119 15.58 2.27 40.91
C ASP A 119 14.88 2.95 42.10
N ILE A 120 14.18 2.14 42.89
CA ILE A 120 13.52 2.64 44.10
C ILE A 120 14.54 3.05 45.15
N GLN A 121 15.58 2.22 45.31
CA GLN A 121 16.62 2.46 46.31
C GLN A 121 17.53 3.64 45.97
N SER A 122 17.80 3.85 44.68
CA SER A 122 18.60 4.98 44.23
C SER A 122 17.77 6.27 44.14
N GLY A 123 16.46 6.12 44.09
CA GLY A 123 15.55 7.26 43.98
C GLY A 123 15.33 7.71 42.54
N LYS A 124 15.70 6.85 41.59
CA LYS A 124 15.48 7.13 40.18
C LYS A 124 14.05 6.75 39.76
N ALA A 125 13.41 5.91 40.57
CA ALA A 125 11.99 5.60 40.41
C ALA A 125 11.15 6.75 40.95
N LEU A 126 11.79 7.63 41.71
CA LEU A 126 11.13 8.83 42.24
C LEU A 126 11.05 9.91 41.17
N GLU A 127 12.17 10.18 40.51
CA GLU A 127 12.25 11.17 39.42
C GLU A 127 11.34 10.77 38.27
N ASP A 128 11.59 9.59 37.72
CA ASP A 128 10.74 9.01 36.69
C ASP A 128 9.99 7.79 37.26
N PRO A 129 8.68 7.94 37.55
CA PRO A 129 7.90 6.86 38.13
C PRO A 129 7.38 5.84 37.11
N SER A 130 7.63 6.10 35.81
CA SER A 130 7.19 5.20 34.74
C SER A 130 8.00 3.90 34.68
N VAL A 131 8.99 3.78 35.56
CA VAL A 131 9.78 2.56 35.71
C VAL A 131 8.99 1.49 36.49
N LEU A 132 8.10 1.96 37.36
CA LEU A 132 7.35 1.07 38.25
C LEU A 132 6.52 -0.02 37.56
N PRO A 133 5.78 0.32 36.47
CA PRO A 133 5.05 -0.75 35.80
C PRO A 133 5.87 -1.51 34.74
N ARG A 134 7.18 -1.62 34.97
CA ARG A 134 8.10 -2.37 34.10
C ARG A 134 7.61 -3.79 33.86
N PHE A 135 7.93 -4.33 32.67
CA PHE A 135 7.40 -5.63 32.25
C PHE A 135 8.44 -6.53 31.58
N LEU A 136 8.11 -7.81 31.48
CA LEU A 136 8.96 -8.81 30.83
C LEU A 136 8.16 -9.62 29.81
N VAL A 137 8.74 -9.79 28.62
CA VAL A 137 8.14 -10.61 27.58
C VAL A 137 9.15 -11.68 27.14
N ILE A 138 8.74 -12.94 27.22
CA ILE A 138 9.49 -14.02 26.59
C ILE A 138 8.72 -14.49 25.37
N SER A 139 9.45 -14.87 24.32
CA SER A 139 8.82 -15.27 23.05
C SER A 139 9.66 -16.20 22.20
N PHE A 140 8.97 -16.91 21.32
CA PHE A 140 9.59 -17.61 20.20
C PHE A 140 8.84 -17.20 18.93
N ALA A 141 9.59 -16.68 17.96
CA ALA A 141 9.00 -16.20 16.71
C ALA A 141 9.34 -17.12 15.55
N ASP A 142 8.38 -17.96 15.16
CA ASP A 142 8.58 -18.86 14.02
C ASP A 142 8.41 -18.07 12.73
N LEU A 143 9.53 -17.69 12.14
CA LEU A 143 9.54 -16.86 10.93
C LEU A 143 9.43 -17.68 9.66
N LYS A 144 9.18 -18.98 9.82
CA LYS A 144 8.98 -19.88 8.69
C LYS A 144 7.50 -20.19 8.53
N LYS A 145 6.83 -20.46 9.65
CA LYS A 145 5.39 -20.72 9.65
C LYS A 145 4.61 -19.46 10.00
N TRP A 146 5.34 -18.43 10.41
CA TRP A 146 4.81 -17.11 10.80
C TRP A 146 3.87 -17.14 12.01
N SER A 147 4.15 -18.02 12.95
CA SER A 147 3.41 -18.10 14.21
C SER A 147 4.29 -17.61 15.36
N PHE A 148 3.67 -16.98 16.35
CA PHE A 148 4.40 -16.35 17.45
C PHE A 148 3.89 -16.84 18.80
N ARG A 149 4.77 -17.51 19.54
CA ARG A 149 4.47 -17.94 20.90
C ARG A 149 5.12 -16.97 21.88
N TYR A 150 4.31 -16.32 22.71
CA TYR A 150 4.79 -15.32 23.66
C TYR A 150 4.18 -15.48 25.05
N TRP A 151 4.78 -14.81 26.04
CA TRP A 151 4.25 -14.77 27.40
C TRP A 151 4.66 -13.46 28.05
N PHE A 152 3.70 -12.79 28.68
CA PHE A 152 3.93 -11.52 29.36
C PHE A 152 4.13 -11.68 30.87
N ALA A 153 4.97 -10.81 31.43
CA ALA A 153 5.18 -10.74 32.88
C ALA A 153 5.16 -9.29 33.36
N PHE A 154 4.38 -9.04 34.42
CA PHE A 154 4.30 -7.72 35.05
C PHE A 154 4.78 -7.81 36.50
N PRO A 155 6.11 -7.74 36.70
CA PRO A 155 6.74 -8.00 38.00
C PRO A 155 6.35 -6.98 39.08
N ALA A 156 5.38 -7.37 39.90
CA ALA A 156 5.00 -6.60 41.08
C ALA A 156 5.48 -7.33 42.33
N PHE A 157 5.91 -6.56 43.34
CA PHE A 157 6.42 -7.12 44.58
C PHE A 157 5.31 -7.53 45.55
N VAL A 158 5.50 -8.67 46.19
CA VAL A 158 4.60 -9.14 47.26
C VAL A 158 5.21 -8.71 48.59
N LEU A 159 4.48 -7.90 49.34
CA LEU A 159 4.96 -7.41 50.64
C LEU A 159 4.76 -8.46 51.73
N ASP A 160 5.71 -8.54 52.65
CA ASP A 160 5.79 -9.60 53.68
C ASP A 160 4.46 -9.81 54.42
N PRO A 161 3.92 -8.75 55.06
CA PRO A 161 2.51 -8.81 55.42
C PRO A 161 1.68 -8.23 54.28
N PRO A 162 0.77 -9.05 53.69
CA PRO A 162 -0.05 -8.63 52.54
C PRO A 162 -0.82 -7.34 52.82
N VAL A 163 -0.66 -6.36 51.93
CA VAL A 163 -1.24 -5.02 52.09
C VAL A 163 -2.75 -5.08 52.34
N SER A 164 -3.18 -4.41 53.41
CA SER A 164 -4.58 -4.44 53.85
C SER A 164 -5.24 -3.08 53.68
N LEU A 165 -6.39 -3.07 52.99
CA LEU A 165 -7.13 -1.85 52.74
C LEU A 165 -8.15 -1.57 53.85
N ILE A 166 -8.31 -0.30 54.18
CA ILE A 166 -9.30 0.13 55.16
C ILE A 166 -10.59 0.51 54.44
N GLU A 167 -10.48 1.33 53.41
CA GLU A 167 -11.64 1.81 52.67
C GLU A 167 -11.36 1.96 51.17
N LEU A 168 -12.42 1.81 50.37
CA LEU A 168 -12.34 1.98 48.93
C LEU A 168 -13.64 2.61 48.41
N LYS A 169 -13.51 3.80 47.81
CA LYS A 169 -14.68 4.55 47.36
C LYS A 169 -14.55 4.99 45.89
N PRO A 170 -15.70 5.15 45.21
CA PRO A 170 -15.71 5.95 43.97
C PRO A 170 -15.30 7.38 44.29
N ALA A 171 -14.45 7.95 43.43
CA ALA A 171 -13.80 9.26 43.68
C ALA A 171 -14.77 10.41 43.99
N SER A 172 -16.00 10.30 43.50
CA SER A 172 -17.04 11.30 43.74
C SER A 172 -17.55 11.27 45.19
N GLU A 173 -17.58 10.08 45.78
CA GLU A 173 -18.06 9.90 47.16
C GLU A 173 -17.10 10.52 48.18
N TYR A 174 -15.81 10.34 47.95
CA TYR A 174 -14.78 10.88 48.85
C TYR A 174 -14.65 12.39 48.71
N PHE A 175 -14.53 12.87 47.47
CA PHE A 175 -14.34 14.29 47.22
C PHE A 175 -15.61 15.12 47.41
N SER A 176 -15.42 16.35 47.87
CA SER A 176 -16.49 17.34 47.88
C SER A 176 -16.80 17.75 46.44
N SER A 177 -18.01 18.25 46.20
CA SER A 177 -18.43 18.65 44.86
C SER A 177 -17.58 19.78 44.29
N GLU A 178 -17.25 20.75 45.14
CA GLU A 178 -16.42 21.90 44.74
C GLU A 178 -14.95 21.50 44.51
N GLU A 179 -14.51 20.47 45.23
CA GLU A 179 -13.18 19.87 45.02
C GLU A 179 -13.17 19.07 43.71
N ALA A 180 -14.28 18.39 43.44
CA ALA A 180 -14.42 17.50 42.27
C ALA A 180 -14.10 18.19 40.95
N GLU A 181 -14.42 19.48 40.86
CA GLU A 181 -14.10 20.28 39.68
C GLU A 181 -12.66 20.79 39.66
N SER A 182 -12.14 21.16 40.84
CA SER A 182 -10.78 21.68 40.97
C SER A 182 -9.74 20.59 40.67
N VAL A 183 -10.09 19.34 40.93
CA VAL A 183 -9.24 18.18 40.64
C VAL A 183 -9.41 17.71 39.19
N SER A 184 -10.64 17.72 38.69
CA SER A 184 -10.92 17.39 37.29
C SER A 184 -10.14 18.29 36.36
N ALA A 185 -10.16 19.59 36.65
CA ALA A 185 -9.41 20.59 35.88
C ALA A 185 -7.91 20.33 35.95
N ALA A 186 -7.40 20.05 37.16
CA ALA A 186 -5.97 19.76 37.37
C ALA A 186 -5.54 18.44 36.73
N CYS A 187 -6.44 17.46 36.74
CA CYS A 187 -6.22 16.18 36.03
C CYS A 187 -6.14 16.42 34.53
N ASN A 188 -7.06 17.23 34.02
CA ASN A 188 -7.14 17.56 32.60
C ASN A 188 -6.03 18.49 32.13
N ASP A 189 -5.51 19.32 33.04
CA ASP A 189 -4.33 20.16 32.77
C ASP A 189 -3.08 19.30 32.65
N TRP A 190 -3.00 18.28 33.52
CA TRP A 190 -1.90 17.32 33.56
C TRP A 190 -1.91 16.43 32.30
N ARG A 191 -3.09 16.24 31.73
CA ARG A 191 -3.24 15.50 30.46
C ARG A 191 -2.98 16.38 29.24
N ASP A 192 -3.48 17.61 29.26
CA ASP A 192 -3.34 18.53 28.12
C ASP A 192 -1.91 19.03 27.91
N SER A 193 -1.14 19.15 28.99
CA SER A 193 0.26 19.53 28.90
C SER A 193 1.08 18.33 28.45
N ASP A 194 1.76 18.47 27.30
CA ASP A 194 2.51 17.37 26.69
C ASP A 194 3.69 16.91 27.55
N LEU A 195 4.22 17.80 28.38
CA LEU A 195 5.37 17.50 29.22
C LEU A 195 5.01 16.64 30.45
N THR A 196 3.72 16.49 30.72
CA THR A 196 3.25 15.77 31.91
C THR A 196 2.12 14.75 31.65
N THR A 197 1.88 14.44 30.39
CA THR A 197 0.79 13.51 30.02
C THR A 197 1.14 12.06 30.35
N ASP A 198 2.33 11.64 29.92
CA ASP A 198 2.79 10.27 30.08
C ASP A 198 3.55 10.03 31.39
N VAL A 199 3.15 10.77 32.43
CA VAL A 199 3.63 10.54 33.79
C VAL A 199 2.47 9.91 34.57
N PRO A 200 2.47 8.57 34.68
CA PRO A 200 1.33 7.82 35.19
C PRO A 200 1.28 7.70 36.71
N PHE A 201 2.18 8.40 37.39
CA PHE A 201 2.21 8.42 38.86
C PHE A 201 2.48 9.86 39.32
N PHE A 202 1.53 10.38 40.09
CA PHE A 202 1.50 11.81 40.42
C PHE A 202 1.01 12.06 41.84
N LEU A 203 1.04 13.33 42.25
CA LEU A 203 0.49 13.74 43.54
C LEU A 203 -0.79 14.57 43.37
N VAL A 204 -1.80 14.26 44.18
CA VAL A 204 -3.04 15.02 44.21
C VAL A 204 -3.09 15.86 45.49
N SER A 205 -2.62 17.11 45.40
CA SER A 205 -2.59 17.99 46.57
C SER A 205 -3.71 19.02 46.56
N VAL A 206 -4.57 18.93 47.55
CA VAL A 206 -5.70 19.82 47.70
C VAL A 206 -5.36 20.82 48.79
N SER A 207 -5.53 22.09 48.48
CA SER A 207 -5.31 23.16 49.42
C SER A 207 -6.42 23.07 50.43
N SER A 208 -6.14 23.32 51.69
CA SER A 208 -7.22 23.27 52.62
C SER A 208 -7.81 24.60 52.36
N ASP A 209 -7.98 24.83 51.06
CA ASP A 209 -8.73 25.90 50.46
C ASP A 209 -9.71 25.27 49.49
N SER A 210 -9.60 23.95 49.34
CA SER A 210 -10.45 23.18 48.46
C SER A 210 -10.07 23.30 46.99
N LYS A 211 -8.87 23.81 46.75
CA LYS A 211 -8.26 23.94 45.45
C LYS A 211 -7.19 22.88 45.35
N ALA A 212 -7.19 22.13 44.26
CA ALA A 212 -6.30 21.01 44.06
C ALA A 212 -5.41 21.31 42.91
N SER A 213 -4.14 21.02 43.07
CA SER A 213 -3.15 21.10 42.01
C SER A 213 -2.24 19.88 42.00
N ILE A 214 -2.20 19.19 40.86
CA ILE A 214 -1.44 17.95 40.71
C ILE A 214 0.04 18.21 40.42
N ARG A 215 0.91 17.49 41.13
CA ARG A 215 2.36 17.70 41.06
C ARG A 215 3.15 16.39 40.98
N HIS A 216 4.44 16.51 40.70
CA HIS A 216 5.35 15.37 40.59
C HIS A 216 5.58 14.67 41.93
N LEU A 217 6.09 13.44 41.88
CA LEU A 217 6.44 12.68 43.07
C LEU A 217 7.50 13.39 43.92
N LYS A 218 8.44 14.05 43.24
CA LYS A 218 9.54 14.78 43.89
C LYS A 218 9.01 15.87 44.82
N ASP A 219 7.85 16.43 44.47
CA ASP A 219 7.25 17.54 45.20
C ASP A 219 6.36 17.07 46.35
N LEU A 220 6.63 15.87 46.85
CA LEU A 220 5.86 15.29 47.97
C LEU A 220 6.09 16.07 49.26
N GLU A 221 7.35 16.16 49.68
CA GLU A 221 7.72 16.80 50.95
C GLU A 221 7.59 18.33 50.91
N ALA A 222 6.98 18.86 49.84
CA ALA A 222 6.78 20.29 49.66
C ALA A 222 5.32 20.68 49.87
N CYS A 223 4.42 20.08 49.08
CA CYS A 223 2.98 20.34 49.19
C CYS A 223 2.32 19.45 50.25
N GLN A 224 3.13 18.67 50.95
CA GLN A 224 2.69 17.95 52.15
C GLN A 224 3.00 18.82 53.36
N GLY A 225 2.01 18.97 54.23
CA GLY A 225 2.17 19.78 55.43
C GLY A 225 0.86 19.94 56.18
N ASP A 226 0.74 21.05 56.90
CA ASP A 226 -0.45 21.32 57.69
C ASP A 226 -1.55 21.95 56.83
N HIS A 227 -2.78 21.50 57.08
CA HIS A 227 -4.00 22.03 56.45
C HIS A 227 -4.01 21.94 54.93
N GLN A 228 -3.70 20.75 54.42
CA GLN A 228 -3.85 20.42 53.00
C GLN A 228 -3.86 18.90 52.79
N LYS A 229 -4.85 18.44 52.03
CA LYS A 229 -5.06 17.02 51.75
C LYS A 229 -4.03 16.47 50.76
N LEU A 230 -3.62 15.22 50.96
CA LEU A 230 -2.59 14.58 50.14
C LEU A 230 -3.02 13.19 49.67
N LEU A 231 -2.87 12.96 48.37
CA LEU A 231 -3.23 11.68 47.74
C LEU A 231 -2.17 11.22 46.73
N PHE A 232 -1.89 9.92 46.73
CA PHE A 232 -0.95 9.31 45.80
C PHE A 232 -1.68 8.82 44.54
N GLY A 233 -1.62 9.63 43.49
CA GLY A 233 -2.35 9.36 42.26
C GLY A 233 -1.55 8.60 41.21
N PHE A 234 -2.23 7.66 40.56
CA PHE A 234 -1.62 6.87 39.49
C PHE A 234 -2.64 6.53 38.39
N TYR A 235 -2.16 6.36 37.17
CA TYR A 235 -3.01 5.94 36.06
C TYR A 235 -3.42 4.48 36.26
N ASP A 236 -4.73 4.26 36.39
CA ASP A 236 -5.27 2.93 36.67
C ASP A 236 -5.92 2.28 35.44
N PRO A 237 -5.30 1.22 34.91
CA PRO A 237 -5.79 0.53 33.71
C PRO A 237 -7.04 -0.31 33.96
N CYS A 238 -7.23 -0.77 35.19
CA CYS A 238 -8.36 -1.63 35.55
C CYS A 238 -9.69 -0.88 35.51
N HIS A 239 -10.76 -1.60 35.18
CA HIS A 239 -12.09 -1.02 35.09
C HIS A 239 -12.96 -1.37 36.30
N LEU A 240 -12.68 -2.54 36.88
CA LEU A 240 -13.51 -3.14 37.94
C LEU A 240 -13.88 -2.14 39.05
N PRO A 241 -15.17 -2.16 39.48
CA PRO A 241 -15.69 -1.18 40.44
C PRO A 241 -15.05 -1.25 41.83
N SER A 242 -14.77 -2.46 42.31
CA SER A 242 -14.33 -2.67 43.69
C SER A 242 -12.91 -3.24 43.84
N ASN A 243 -12.11 -3.15 42.78
CA ASN A 243 -10.72 -3.59 42.82
C ASN A 243 -9.79 -2.65 42.08
N PRO A 244 -8.66 -2.28 42.71
CA PRO A 244 -7.67 -1.42 42.06
C PRO A 244 -6.80 -2.18 41.05
N GLY A 245 -6.07 -1.43 40.22
CA GLY A 245 -5.24 -2.00 39.17
C GLY A 245 -3.88 -2.49 39.65
N TRP A 246 -3.25 -3.30 38.82
CA TRP A 246 -1.95 -3.91 39.11
C TRP A 246 -0.79 -2.92 39.37
N PRO A 247 -0.79 -1.74 38.72
CA PRO A 247 0.32 -0.80 38.95
C PRO A 247 0.36 -0.19 40.36
N LEU A 248 -0.69 -0.41 41.15
CA LEU A 248 -0.74 0.07 42.53
C LEU A 248 0.33 -0.63 43.37
N ARG A 249 0.49 -1.93 43.14
CA ARG A 249 1.48 -2.77 43.81
C ARG A 249 2.85 -2.12 43.94
N ASN A 250 3.40 -1.70 42.81
CA ASN A 250 4.74 -1.13 42.76
C ASN A 250 4.81 0.30 43.29
N TYR A 251 3.71 1.04 43.15
CA TYR A 251 3.61 2.39 43.66
C TYR A 251 3.81 2.40 45.18
N LEU A 252 3.12 1.47 45.85
CA LEU A 252 3.19 1.30 47.30
C LEU A 252 4.56 0.81 47.77
N ALA A 253 5.28 0.13 46.87
CA ALA A 253 6.63 -0.34 47.17
C ALA A 253 7.65 0.81 47.18
N LEU A 254 7.38 1.85 46.40
CA LEU A 254 8.21 3.05 46.41
C LEU A 254 7.91 3.87 47.65
N ILE A 255 6.61 4.11 47.89
CA ILE A 255 6.15 4.93 49.02
C ILE A 255 6.73 4.45 50.35
N ARG A 256 6.64 3.15 50.60
CA ARG A 256 7.16 2.53 51.82
C ARG A 256 8.68 2.65 51.89
N SER A 257 9.36 2.32 50.80
CA SER A 257 10.83 2.25 50.79
C SER A 257 11.53 3.61 50.69
N ARG A 258 10.76 4.67 50.47
CA ARG A 258 11.34 6.02 50.38
C ARG A 258 10.91 6.93 51.54
N TRP A 259 9.66 6.82 51.96
CA TRP A 259 9.12 7.73 52.99
C TRP A 259 8.56 7.06 54.25
N ASN A 260 8.39 5.73 54.19
CA ASN A 260 7.93 4.92 55.33
C ASN A 260 6.64 5.37 56.00
N LEU A 261 5.61 5.64 55.19
CA LEU A 261 4.29 5.99 55.73
C LEU A 261 3.54 4.73 56.12
N GLU A 262 2.88 4.78 57.28
CA GLU A 262 2.06 3.66 57.75
C GLU A 262 0.77 3.55 56.95
N THR A 263 0.03 4.66 56.90
CA THR A 263 -1.22 4.74 56.14
C THR A 263 -1.02 5.56 54.86
N VAL A 264 -1.54 5.03 53.75
CA VAL A 264 -1.34 5.62 52.43
C VAL A 264 -2.66 5.83 51.69
N TRP A 265 -2.91 7.07 51.30
CA TRP A 265 -4.06 7.42 50.45
C TRP A 265 -3.69 7.31 48.97
N PHE A 266 -4.45 6.53 48.21
CA PHE A 266 -4.18 6.35 46.79
C PHE A 266 -5.34 6.82 45.91
N PHE A 267 -4.99 7.25 44.70
CA PHE A 267 -5.98 7.68 43.71
C PHE A 267 -5.84 6.89 42.42
N CYS A 268 -6.80 5.99 42.18
CA CYS A 268 -6.86 5.18 40.97
C CYS A 268 -7.50 5.98 39.85
N TYR A 269 -6.69 6.77 39.14
CA TYR A 269 -7.19 7.67 38.11
C TYR A 269 -7.73 6.92 36.88
N ARG A 270 -9.04 7.04 36.69
CA ARG A 270 -9.73 6.41 35.56
C ARG A 270 -10.56 7.43 34.81
N GLU A 271 -10.82 7.16 33.54
CA GLU A 271 -11.44 8.13 32.63
C GLU A 271 -12.72 7.64 31.96
N SER A 272 -13.35 8.56 31.23
CA SER A 272 -14.54 8.28 30.43
C SER A 272 -14.61 9.36 29.36
N ARG A 273 -14.91 8.93 28.13
CA ARG A 273 -14.94 9.81 26.95
C ARG A 273 -13.66 10.66 26.79
N GLY A 274 -12.55 10.13 27.31
CA GLY A 274 -11.26 10.80 27.23
C GLY A 274 -11.08 11.92 28.23
N PHE A 275 -11.94 11.94 29.25
CA PHE A 275 -11.89 12.96 30.29
C PHE A 275 -11.92 12.33 31.67
N ALA A 276 -11.29 13.01 32.63
CA ALA A 276 -11.28 12.57 34.03
C ALA A 276 -12.71 12.34 34.53
N ASP A 277 -13.01 11.08 34.85
CA ASP A 277 -14.33 10.69 35.35
C ASP A 277 -14.21 10.14 36.76
N LEU A 278 -14.70 10.90 37.73
CA LEU A 278 -14.62 10.56 39.15
C LEU A 278 -15.71 9.58 39.57
N ASN A 279 -16.70 9.37 38.70
CA ASN A 279 -17.73 8.36 38.92
C ASN A 279 -17.14 6.95 38.77
N LEU A 280 -16.16 6.83 37.87
CA LEU A 280 -15.49 5.56 37.61
C LEU A 280 -14.25 5.45 38.49
N SER A 281 -13.48 6.53 38.54
CA SER A 281 -12.22 6.59 39.27
C SER A 281 -12.37 6.18 40.74
N LEU A 282 -11.30 5.66 41.33
CA LEU A 282 -11.32 5.17 42.70
C LEU A 282 -10.35 5.88 43.64
N VAL A 283 -10.85 6.24 44.83
CA VAL A 283 -10.02 6.76 45.92
C VAL A 283 -10.12 5.78 47.09
N GLY A 284 -8.97 5.48 47.70
CA GLY A 284 -8.93 4.62 48.86
C GLY A 284 -7.68 4.82 49.70
N GLN A 285 -7.64 4.14 50.83
CA GLN A 285 -6.45 4.10 51.68
C GLN A 285 -6.17 2.69 52.19
N ALA A 286 -4.89 2.38 52.35
CA ALA A 286 -4.44 1.09 52.86
C ALA A 286 -3.30 1.27 53.84
N SER A 287 -3.07 0.27 54.68
CA SER A 287 -2.00 0.32 55.66
C SER A 287 -0.89 -0.69 55.37
N ILE A 288 0.32 -0.17 55.19
CA ILE A 288 1.50 -1.01 55.06
C ILE A 288 2.07 -1.23 56.46
N THR A 289 2.33 -2.48 56.81
CA THR A 289 2.82 -2.83 58.15
C THR A 289 4.32 -2.54 58.28
N LEU A 290 4.65 -1.24 58.32
CA LEU A 290 6.02 -0.74 58.51
C LEU A 290 7.08 -1.54 57.74
N ALA A 296 14.16 -4.56 55.01
CA ALA A 296 14.34 -3.27 54.36
C ALA A 296 15.25 -3.34 53.12
N GLU A 297 16.32 -4.12 53.24
CA GLU A 297 17.35 -4.20 52.20
C GLU A 297 17.08 -5.24 51.10
N THR A 298 16.52 -6.38 51.50
CA THR A 298 16.32 -7.51 50.58
C THR A 298 15.14 -7.29 49.62
N VAL A 299 15.33 -7.71 48.38
CA VAL A 299 14.31 -7.59 47.34
C VAL A 299 13.18 -8.59 47.63
N PRO A 300 11.93 -8.08 47.80
CA PRO A 300 10.78 -8.94 48.06
C PRO A 300 10.46 -9.84 46.88
N ASN A 301 9.68 -10.89 47.10
CA ASN A 301 9.29 -11.79 46.03
C ASN A 301 8.31 -11.17 45.05
N SER A 302 8.39 -11.56 43.79
CA SER A 302 7.59 -10.96 42.76
C SER A 302 6.67 -11.95 42.14
N VAL A 303 5.86 -11.49 41.23
CA VAL A 303 4.78 -12.27 40.77
C VAL A 303 4.24 -11.49 39.61
N GLY A 304 3.55 -12.12 38.67
CA GLY A 304 3.02 -11.37 37.56
C GLY A 304 3.15 -11.99 36.19
N TRP A 305 2.88 -13.26 36.10
CA TRP A 305 2.90 -13.92 34.85
C TRP A 305 1.50 -13.91 34.41
N GLU A 306 1.28 -13.49 33.18
CA GLU A 306 -0.05 -13.31 32.65
C GLU A 306 -0.72 -14.65 32.46
N LEU A 307 -1.99 -14.75 32.82
CA LEU A 307 -2.77 -15.96 32.64
C LEU A 307 -3.44 -16.00 31.26
N ASN A 308 -3.63 -17.20 30.72
CA ASN A 308 -4.28 -17.39 29.42
C ASN A 308 -5.61 -18.11 29.63
N LYS A 309 -6.69 -17.33 29.67
CA LYS A 309 -8.03 -17.83 30.03
C LYS A 309 -8.01 -18.70 31.29
N GLY A 310 -7.35 -18.21 32.33
CA GLY A 310 -7.33 -18.88 33.63
C GLY A 310 -6.03 -19.58 34.00
N LYS A 311 -5.29 -20.08 33.02
CA LYS A 311 -4.12 -20.94 33.27
C LYS A 311 -2.76 -20.34 32.90
N ARG A 312 -1.72 -20.80 33.62
CA ARG A 312 -0.33 -20.44 33.32
C ARG A 312 0.16 -21.11 32.03
N VAL A 313 -0.21 -20.50 30.91
CA VAL A 313 0.10 -21.02 29.59
C VAL A 313 0.52 -19.83 28.73
N PRO A 314 1.53 -20.01 27.86
CA PRO A 314 1.90 -18.96 26.91
C PRO A 314 0.77 -18.69 25.91
N ARG A 315 0.76 -17.49 25.33
CA ARG A 315 -0.18 -17.17 24.26
C ARG A 315 0.49 -17.42 22.93
N SER A 316 -0.31 -17.75 21.91
CA SER A 316 0.24 -17.95 20.58
C SER A 316 -0.72 -17.50 19.49
N ILE A 317 -0.27 -16.53 18.69
CA ILE A 317 -1.01 -16.02 17.55
C ILE A 317 -0.36 -16.53 16.27
N SER A 318 -1.18 -16.77 15.25
CA SER A 318 -0.68 -17.09 13.91
C SER A 318 -1.00 -15.94 12.97
N LEU A 319 -0.01 -15.49 12.21
CA LEU A 319 -0.19 -14.36 11.29
C LEU A 319 0.24 -14.68 9.87
N ALA A 320 -0.01 -15.91 9.44
CA ALA A 320 0.37 -16.37 8.11
C ALA A 320 -0.39 -15.59 7.03
N ASN A 321 -1.71 -15.76 6.99
CA ASN A 321 -2.57 -15.12 5.99
C ASN A 321 -2.59 -13.60 6.04
N SER A 322 -2.37 -13.04 7.22
CA SER A 322 -2.39 -11.60 7.42
C SER A 322 -0.97 -11.01 7.39
N MET A 323 -0.22 -11.34 6.34
CA MET A 323 1.11 -10.79 6.14
C MET A 323 1.24 -10.20 4.73
N PRO B 5 0.23 0.25 -59.52
CA PRO B 5 0.83 1.57 -59.70
C PRO B 5 1.67 1.99 -58.50
N ALA B 6 2.86 2.53 -58.76
CA ALA B 6 3.82 2.89 -57.72
C ALA B 6 3.44 4.18 -56.99
N ILE B 7 2.83 4.04 -55.82
CA ILE B 7 2.35 5.19 -55.02
C ILE B 7 3.37 5.66 -53.97
N ILE B 8 3.12 6.84 -53.42
CA ILE B 8 3.96 7.42 -52.36
C ILE B 8 3.66 6.74 -51.02
N LEU B 9 4.72 6.26 -50.35
CA LEU B 9 4.57 5.48 -49.11
C LEU B 9 4.32 6.35 -47.88
N GLN B 10 3.22 6.08 -47.19
CA GLN B 10 2.83 6.85 -46.01
C GLN B 10 2.92 6.01 -44.74
N PHE B 11 3.67 6.52 -43.77
CA PHE B 11 3.87 5.85 -42.50
C PHE B 11 2.84 6.33 -41.48
N ALA B 12 2.27 5.38 -40.74
CA ALA B 12 1.31 5.70 -39.68
C ALA B 12 2.05 6.25 -38.47
N PRO B 13 1.56 7.38 -37.92
CA PRO B 13 2.19 8.04 -36.77
C PRO B 13 2.25 7.18 -35.51
N LEU B 14 3.36 7.26 -34.79
CA LEU B 14 3.50 6.58 -33.50
C LEU B 14 2.81 7.42 -32.43
N ASN B 15 2.00 6.74 -31.61
CA ASN B 15 1.33 7.37 -30.47
C ASN B 15 2.04 7.02 -29.16
N SER B 16 1.95 7.92 -28.18
CA SER B 16 2.58 7.71 -26.88
C SER B 16 1.61 7.15 -25.84
N SER B 17 2.19 6.68 -24.73
CA SER B 17 1.42 6.23 -23.57
C SER B 17 2.25 6.44 -22.30
N VAL B 18 1.86 7.43 -21.50
CA VAL B 18 2.54 7.65 -20.22
C VAL B 18 1.75 7.03 -19.08
N ASP B 19 2.30 5.95 -18.52
CA ASP B 19 1.73 5.32 -17.34
C ASP B 19 1.78 6.30 -16.19
N GLU B 20 0.76 6.21 -15.33
CA GLU B 20 0.64 7.07 -14.15
C GLU B 20 1.91 7.12 -13.30
N GLY B 21 2.47 5.95 -13.02
CA GLY B 21 3.68 5.84 -12.21
C GLY B 21 4.88 6.66 -12.64
N PHE B 22 4.95 7.00 -13.93
CA PHE B 22 6.06 7.81 -14.44
C PHE B 22 6.08 9.19 -13.80
N TRP B 23 4.91 9.82 -13.72
CA TRP B 23 4.79 11.15 -13.14
C TRP B 23 5.10 11.12 -11.65
N HIS B 24 4.45 10.21 -10.93
CA HIS B 24 4.71 9.98 -9.51
C HIS B 24 6.21 9.78 -9.27
N SER B 25 6.83 8.99 -10.13
CA SER B 25 8.26 8.70 -10.05
C SER B 25 9.09 9.96 -10.30
N PHE B 26 8.61 10.80 -11.22
CA PHE B 26 9.31 12.03 -11.59
C PHE B 26 9.08 13.15 -10.58
N SER B 27 7.85 13.25 -10.08
CA SER B 27 7.51 14.22 -9.04
C SER B 27 8.37 14.04 -7.81
N SER B 28 8.79 12.81 -7.54
CA SER B 28 9.73 12.53 -6.47
C SER B 28 11.14 12.96 -6.85
N LEU B 29 11.52 12.73 -8.11
CA LEU B 29 12.86 13.04 -8.61
C LEU B 29 13.08 14.55 -8.56
N LYS B 30 12.08 15.29 -9.02
CA LYS B 30 12.13 16.75 -9.09
C LYS B 30 12.20 17.39 -7.70
N LEU B 31 11.42 16.86 -6.75
CA LEU B 31 11.31 17.43 -5.41
C LEU B 31 12.44 17.04 -4.46
N ASP B 32 12.91 15.79 -4.55
CA ASP B 32 13.90 15.27 -3.61
C ASP B 32 15.34 15.49 -4.05
N LYS B 33 15.57 15.60 -5.37
CA LYS B 33 16.94 15.66 -5.89
C LYS B 33 17.23 16.87 -6.78
N LEU B 34 16.40 17.07 -7.80
CA LEU B 34 16.71 18.04 -8.86
C LEU B 34 16.64 19.52 -8.43
N GLY B 35 15.53 19.93 -7.84
CA GLY B 35 15.34 21.32 -7.44
C GLY B 35 14.83 22.17 -8.59
N ILE B 36 15.42 23.34 -8.77
CA ILE B 36 15.03 24.27 -9.84
C ILE B 36 15.46 23.78 -11.23
N ASP B 37 16.43 22.89 -11.33
CA ASP B 37 17.05 22.55 -12.61
C ASP B 37 16.02 22.24 -13.64
N ASP B 38 16.17 22.82 -14.83
CA ASP B 38 15.34 22.50 -15.98
C ASP B 38 16.18 21.74 -16.96
N SER B 39 17.35 21.36 -16.52
CA SER B 39 18.28 20.62 -17.37
C SER B 39 17.62 19.35 -17.90
N PRO B 40 17.90 18.98 -19.15
CA PRO B 40 17.34 17.75 -19.71
C PRO B 40 17.82 16.51 -18.97
N ILE B 41 16.94 15.50 -18.92
CA ILE B 41 17.29 14.19 -18.35
C ILE B 41 17.10 13.14 -19.43
N SER B 42 18.06 12.24 -19.57
CA SER B 42 17.89 11.09 -20.47
C SER B 42 17.00 10.05 -19.82
N ILE B 43 16.02 9.56 -20.58
CA ILE B 43 15.04 8.58 -20.11
C ILE B 43 14.98 7.37 -21.04
N THR B 44 14.31 6.31 -20.59
CA THR B 44 14.10 5.12 -21.41
C THR B 44 12.62 4.92 -21.76
N GLY B 45 12.34 4.82 -23.06
CA GLY B 45 10.99 4.52 -23.54
C GLY B 45 10.87 3.07 -23.92
N PHE B 46 9.64 2.56 -23.92
CA PHE B 46 9.39 1.16 -24.24
C PHE B 46 8.30 1.01 -25.28
N TYR B 47 8.53 0.11 -26.23
CA TYR B 47 7.50 -0.25 -27.19
C TYR B 47 7.61 -1.72 -27.58
N GLY B 48 6.73 -2.15 -28.49
CA GLY B 48 6.76 -3.52 -28.99
C GLY B 48 5.98 -3.63 -30.26
N PRO B 49 5.92 -4.84 -30.84
CA PRO B 49 5.13 -5.05 -32.04
C PRO B 49 3.65 -4.83 -31.75
N CYS B 50 2.84 -4.78 -32.80
CA CYS B 50 1.40 -4.78 -32.65
C CYS B 50 0.98 -6.09 -31.99
N GLY B 51 0.05 -6.00 -31.04
CA GLY B 51 -0.35 -7.16 -30.25
C GLY B 51 -1.75 -7.64 -30.51
N HIS B 52 -2.52 -6.83 -31.24
CA HIS B 52 -3.93 -7.12 -31.55
C HIS B 52 -4.29 -6.48 -32.89
N PRO B 53 -5.15 -7.15 -33.69
CA PRO B 53 -5.51 -6.62 -35.02
C PRO B 53 -6.23 -5.27 -34.99
N GLN B 54 -7.00 -5.02 -33.94
CA GLN B 54 -7.80 -3.79 -33.83
C GLN B 54 -7.08 -2.59 -33.23
N VAL B 55 -6.01 -2.85 -32.47
CA VAL B 55 -5.34 -1.79 -31.72
C VAL B 55 -3.82 -1.88 -31.78
N SER B 56 -3.19 -0.76 -32.13
CA SER B 56 -1.73 -0.70 -32.27
C SER B 56 -1.01 -0.30 -30.98
N ASN B 57 0.23 -0.76 -30.84
CA ASN B 57 1.04 -0.51 -29.65
C ASN B 57 1.51 0.95 -29.57
N HIS B 58 2.15 1.30 -28.45
CA HIS B 58 2.61 2.67 -28.22
C HIS B 58 4.05 2.71 -27.70
N LEU B 59 4.65 3.89 -27.78
CA LEU B 59 5.85 4.15 -27.00
C LEU B 59 5.39 4.50 -25.58
N THR B 60 5.82 3.68 -24.63
CA THR B 60 5.34 3.80 -23.25
C THR B 60 6.43 4.26 -22.27
N LEU B 61 6.14 5.35 -21.55
CA LEU B 61 6.93 5.77 -20.41
C LEU B 61 6.35 5.17 -19.14
N LEU B 62 7.17 4.40 -18.43
CA LEU B 62 6.80 3.82 -17.15
C LEU B 62 7.67 4.46 -16.07
N SER B 63 7.60 3.96 -14.83
CA SER B 63 8.49 4.45 -13.78
C SER B 63 9.91 3.89 -13.91
N GLU B 64 10.07 2.80 -14.65
CA GLU B 64 11.39 2.24 -14.96
C GLU B 64 12.13 3.13 -15.95
N SER B 65 11.40 4.03 -16.59
CA SER B 65 11.92 4.94 -17.61
C SER B 65 13.01 5.88 -17.09
N LEU B 66 12.84 6.32 -15.84
CA LEU B 66 13.76 7.25 -15.20
C LEU B 66 15.00 6.54 -14.67
N PRO B 67 16.16 7.24 -14.70
CA PRO B 67 17.46 6.69 -14.25
C PRO B 67 17.40 6.03 -12.88
N LEU B 68 18.14 4.94 -12.71
CA LEU B 68 18.08 4.10 -11.51
C LEU B 68 19.01 4.58 -10.39
N ASP B 69 18.84 5.84 -9.98
CA ASP B 69 19.61 6.43 -8.89
C ASP B 69 18.68 7.09 -7.87
N HIS B 79 17.13 -3.66 -17.79
CA HIS B 79 15.72 -3.51 -18.09
C HIS B 79 15.41 -3.82 -19.55
N GLY B 80 14.19 -4.30 -19.79
CA GLY B 80 13.74 -4.63 -21.15
C GLY B 80 13.45 -6.10 -21.38
N ASN B 81 12.17 -6.46 -21.32
CA ASN B 81 11.72 -7.80 -21.59
C ASN B 81 10.99 -7.91 -22.94
N ARG B 82 10.22 -8.98 -23.12
CA ARG B 82 9.44 -9.22 -24.34
C ARG B 82 8.48 -8.08 -24.67
N ASN B 83 7.74 -7.60 -23.68
CA ASN B 83 6.75 -6.55 -23.89
C ASN B 83 7.30 -5.14 -23.67
N LYS B 84 8.59 -5.04 -23.38
CA LYS B 84 9.25 -3.74 -23.19
C LYS B 84 10.56 -3.67 -23.95
N CYS B 85 10.53 -3.14 -25.17
CA CYS B 85 11.76 -2.93 -25.92
C CYS B 85 12.29 -1.53 -25.61
N PRO B 86 13.45 -1.46 -24.94
CA PRO B 86 14.01 -0.17 -24.52
C PRO B 86 14.46 0.70 -25.71
N VAL B 87 14.09 1.97 -25.62
CA VAL B 87 14.44 2.99 -26.61
C VAL B 87 14.92 4.23 -25.84
N PRO B 88 16.09 4.79 -26.23
CA PRO B 88 16.63 5.98 -25.56
C PRO B 88 15.89 7.27 -25.89
N GLY B 89 15.64 8.08 -24.87
CA GLY B 89 14.98 9.38 -25.02
C GLY B 89 15.48 10.45 -24.07
N ILE B 90 14.95 11.66 -24.21
CA ILE B 90 15.34 12.81 -23.39
C ILE B 90 14.12 13.59 -22.93
N LEU B 91 14.16 14.09 -21.70
CA LEU B 91 13.05 14.83 -21.13
C LEU B 91 13.42 16.28 -20.81
N TYR B 92 12.62 17.21 -21.32
CA TYR B 92 12.78 18.62 -21.00
C TYR B 92 11.58 19.09 -20.19
N ASN B 93 11.75 19.15 -18.87
CA ASN B 93 10.69 19.61 -17.98
C ASN B 93 10.94 21.04 -17.46
N THR B 94 9.99 21.93 -17.74
CA THR B 94 10.10 23.33 -17.33
C THR B 94 9.45 23.57 -15.96
N ASN B 95 9.72 24.73 -15.37
CA ASN B 95 9.19 25.08 -14.04
C ASN B 95 7.90 25.90 -14.06
N THR B 96 7.60 26.54 -15.20
CA THR B 96 6.36 27.32 -15.34
C THR B 96 5.66 27.02 -16.67
N VAL B 97 4.42 27.48 -16.78
CA VAL B 97 3.62 27.33 -18.01
C VAL B 97 4.25 28.14 -19.15
N GLU B 98 4.70 29.35 -18.84
CA GLU B 98 5.22 30.28 -19.86
C GLU B 98 6.54 29.84 -20.45
N SER B 99 7.39 29.21 -19.65
CA SER B 99 8.68 28.70 -20.13
C SER B 99 8.48 27.41 -20.93
N PHE B 100 7.42 26.67 -20.62
CA PHE B 100 7.01 25.51 -21.40
C PHE B 100 6.61 25.92 -22.82
N ASN B 101 5.85 27.01 -22.93
CA ASN B 101 5.41 27.53 -24.22
C ASN B 101 6.53 28.18 -25.04
N LYS B 102 7.55 28.68 -24.33
CA LYS B 102 8.70 29.33 -24.98
C LYS B 102 9.80 28.34 -25.36
N LEU B 103 9.42 27.07 -25.50
CA LEU B 103 10.34 26.02 -25.92
C LEU B 103 10.49 25.99 -27.44
N ASP B 104 11.74 25.96 -27.89
CA ASP B 104 12.03 25.96 -29.31
C ASP B 104 11.93 24.53 -29.87
N LYS B 105 10.70 24.16 -30.23
CA LYS B 105 10.38 22.81 -30.70
C LYS B 105 11.29 22.34 -31.82
N GLN B 106 11.54 23.21 -32.80
CA GLN B 106 12.31 22.83 -33.99
C GLN B 106 13.80 22.64 -33.74
N SER B 107 14.38 23.41 -32.83
CA SER B 107 15.79 23.25 -32.49
C SER B 107 16.01 22.01 -31.61
N LEU B 108 15.00 21.69 -30.79
CA LEU B 108 15.05 20.51 -29.92
C LEU B 108 14.79 19.22 -30.68
N LEU B 109 13.88 19.29 -31.66
CA LEU B 109 13.58 18.16 -32.54
C LEU B 109 14.79 17.83 -33.41
N LYS B 110 15.38 18.85 -34.03
CA LYS B 110 16.58 18.68 -34.85
C LYS B 110 17.81 18.29 -34.04
N ALA B 111 17.81 18.65 -32.76
CA ALA B 111 18.88 18.25 -31.83
C ALA B 111 18.87 16.75 -31.60
N GLU B 112 17.67 16.21 -31.41
CA GLU B 112 17.50 14.77 -31.17
C GLU B 112 17.61 13.97 -32.47
N ALA B 113 16.98 14.47 -33.52
CA ALA B 113 17.09 13.86 -34.85
C ALA B 113 18.55 13.79 -35.31
N ASN B 114 19.35 14.78 -34.90
CA ASN B 114 20.77 14.81 -35.22
C ASN B 114 21.53 13.68 -34.52
N LYS B 115 21.15 13.38 -33.28
CA LYS B 115 21.74 12.29 -32.52
C LYS B 115 21.53 10.94 -33.24
N ILE B 116 20.32 10.75 -33.77
CA ILE B 116 20.01 9.55 -34.55
C ILE B 116 20.92 9.48 -35.78
N TRP B 117 20.96 10.56 -36.55
CA TRP B 117 21.76 10.62 -37.78
C TRP B 117 23.23 10.32 -37.52
N GLU B 118 23.75 10.82 -36.40
CA GLU B 118 25.11 10.52 -35.98
C GLU B 118 25.33 9.02 -35.77
N ASP B 119 24.35 8.36 -35.16
CA ASP B 119 24.44 6.92 -34.90
C ASP B 119 24.32 6.11 -36.18
N ILE B 120 23.53 6.63 -37.12
CA ILE B 120 23.43 6.06 -38.46
C ILE B 120 24.77 6.16 -39.18
N GLN B 121 25.45 7.29 -39.01
CA GLN B 121 26.73 7.56 -39.66
C GLN B 121 27.92 6.81 -39.04
N SER B 122 27.90 6.65 -37.72
CA SER B 122 29.04 6.06 -37.00
C SER B 122 29.06 4.53 -37.02
N GLY B 123 28.00 3.91 -37.54
CA GLY B 123 27.85 2.46 -37.51
C GLY B 123 27.31 1.97 -36.18
N LYS B 124 26.84 2.91 -35.36
CA LYS B 124 26.25 2.63 -34.06
C LYS B 124 24.88 1.97 -34.20
N ALA B 125 24.05 2.54 -35.09
CA ALA B 125 22.72 2.02 -35.37
C ALA B 125 22.77 0.59 -35.94
N LEU B 126 23.88 0.24 -36.59
CA LEU B 126 24.11 -1.13 -37.05
C LEU B 126 24.28 -2.09 -35.88
N GLU B 127 25.17 -1.74 -34.94
CA GLU B 127 25.41 -2.54 -33.75
C GLU B 127 24.16 -2.59 -32.87
N ASP B 128 23.53 -1.43 -32.70
CA ASP B 128 22.36 -1.30 -31.86
C ASP B 128 21.28 -0.48 -32.57
N PRO B 129 20.39 -1.16 -33.31
CA PRO B 129 19.33 -0.46 -34.05
C PRO B 129 18.21 0.07 -33.17
N SER B 130 18.18 -0.32 -31.89
CA SER B 130 17.16 0.18 -30.95
C SER B 130 17.31 1.68 -30.70
N VAL B 131 18.37 2.25 -31.26
CA VAL B 131 18.69 3.67 -31.12
C VAL B 131 17.92 4.50 -32.16
N LEU B 132 17.38 3.82 -33.17
CA LEU B 132 16.65 4.48 -34.26
C LEU B 132 15.34 5.17 -33.82
N PRO B 133 14.51 4.50 -32.97
CA PRO B 133 13.28 5.16 -32.54
C PRO B 133 13.50 6.19 -31.43
N ARG B 134 14.70 6.76 -31.33
CA ARG B 134 15.01 7.79 -30.31
C ARG B 134 13.95 8.89 -30.32
N PHE B 135 13.51 9.26 -29.12
CA PHE B 135 12.35 10.14 -28.96
C PHE B 135 12.62 11.32 -28.02
N LEU B 136 11.76 12.32 -28.11
CA LEU B 136 11.84 13.52 -27.29
C LEU B 136 10.53 13.75 -26.53
N VAL B 137 10.65 14.17 -25.26
CA VAL B 137 9.50 14.62 -24.49
C VAL B 137 9.79 15.99 -23.88
N ILE B 138 8.93 16.95 -24.18
CA ILE B 138 8.94 18.24 -23.48
C ILE B 138 7.72 18.30 -22.58
N SER B 139 7.93 18.70 -21.33
CA SER B 139 6.86 18.68 -20.33
C SER B 139 6.85 19.88 -19.40
N PHE B 140 5.77 19.99 -18.62
CA PHE B 140 5.64 20.95 -17.53
C PHE B 140 4.88 20.30 -16.39
N ALA B 141 5.60 19.98 -15.32
CA ALA B 141 5.02 19.35 -14.16
C ALA B 141 4.58 20.38 -13.12
N ASP B 142 3.27 20.58 -13.00
CA ASP B 142 2.69 21.51 -12.03
C ASP B 142 2.52 20.78 -10.70
N LEU B 143 3.55 20.87 -9.85
CA LEU B 143 3.58 20.15 -8.58
C LEU B 143 2.70 20.78 -7.49
N LYS B 144 2.07 21.90 -7.84
CA LYS B 144 1.14 22.57 -6.94
C LYS B 144 -0.29 22.01 -7.13
N LYS B 145 -0.77 22.08 -8.37
CA LYS B 145 -2.09 21.58 -8.73
C LYS B 145 -2.08 20.06 -8.95
N TRP B 146 -0.88 19.50 -9.11
CA TRP B 146 -0.67 18.10 -9.49
C TRP B 146 -1.33 17.70 -10.82
N SER B 147 -1.17 18.57 -11.81
CA SER B 147 -1.54 18.30 -13.20
C SER B 147 -0.29 18.36 -14.06
N PHE B 148 -0.29 17.64 -15.18
CA PHE B 148 0.91 17.49 -16.00
C PHE B 148 0.66 17.83 -17.48
N ARG B 149 1.51 18.69 -18.01
CA ARG B 149 1.46 19.11 -19.40
C ARG B 149 2.68 18.54 -20.10
N TYR B 150 2.48 17.82 -21.20
CA TYR B 150 3.59 17.20 -21.94
C TYR B 150 3.33 17.12 -23.44
N TRP B 151 4.41 16.91 -24.19
CA TRP B 151 4.33 16.72 -25.63
C TRP B 151 5.43 15.76 -26.09
N PHE B 152 5.02 14.73 -26.81
CA PHE B 152 5.94 13.73 -27.34
C PHE B 152 6.40 14.04 -28.75
N ALA B 153 7.63 13.64 -29.06
CA ALA B 153 8.17 13.80 -30.40
C ALA B 153 8.91 12.54 -30.81
N PHE B 154 8.59 12.03 -32.01
CA PHE B 154 9.28 10.87 -32.54
C PHE B 154 9.95 11.23 -33.87
N PRO B 155 11.17 11.81 -33.81
CA PRO B 155 11.88 12.31 -34.97
C PRO B 155 12.10 11.25 -36.05
N ALA B 156 11.70 11.57 -37.27
CA ALA B 156 11.90 10.73 -38.43
C ALA B 156 12.31 11.59 -39.61
N PHE B 157 13.34 11.14 -40.33
CA PHE B 157 13.89 11.91 -41.45
C PHE B 157 13.01 11.91 -42.69
N VAL B 158 12.90 13.08 -43.32
CA VAL B 158 12.21 13.24 -44.60
C VAL B 158 13.21 13.07 -45.73
N LEU B 159 13.11 11.95 -46.45
CA LEU B 159 14.03 11.65 -47.54
C LEU B 159 13.72 12.51 -48.76
N ASP B 160 14.76 13.18 -49.27
CA ASP B 160 14.63 14.23 -50.30
C ASP B 160 13.60 13.91 -51.39
N PRO B 161 13.76 12.77 -52.09
CA PRO B 161 12.62 12.24 -52.85
C PRO B 161 11.92 11.18 -52.00
N PRO B 162 10.66 11.42 -51.62
CA PRO B 162 9.93 10.54 -50.69
C PRO B 162 9.83 9.09 -51.18
N VAL B 163 10.04 8.14 -50.27
CA VAL B 163 10.05 6.71 -50.61
C VAL B 163 8.75 6.27 -51.29
N SER B 164 8.89 5.57 -52.42
CA SER B 164 7.76 5.14 -53.23
C SER B 164 7.39 3.68 -52.95
N LEU B 165 6.13 3.43 -52.63
CA LEU B 165 5.62 2.09 -52.37
C LEU B 165 5.25 1.39 -53.67
N ILE B 166 5.73 0.16 -53.84
CA ILE B 166 5.43 -0.62 -55.04
C ILE B 166 4.32 -1.64 -54.77
N GLU B 167 4.40 -2.32 -53.62
CA GLU B 167 3.35 -3.25 -53.17
C GLU B 167 3.38 -3.43 -51.65
N LEU B 168 2.24 -3.78 -51.07
CA LEU B 168 2.15 -4.08 -49.63
C LEU B 168 1.08 -5.14 -49.36
N LYS B 169 1.51 -6.39 -49.25
CA LYS B 169 0.62 -7.52 -49.06
C LYS B 169 0.64 -7.99 -47.61
N PRO B 170 -0.47 -8.56 -47.13
CA PRO B 170 -0.44 -9.30 -45.88
C PRO B 170 0.63 -10.39 -45.96
N ALA B 171 1.52 -10.43 -44.98
CA ALA B 171 2.66 -11.36 -44.99
C ALA B 171 2.31 -12.81 -45.37
N SER B 172 1.12 -13.26 -44.99
CA SER B 172 0.67 -14.63 -45.28
C SER B 172 0.30 -14.82 -46.75
N GLU B 173 -0.06 -13.72 -47.41
CA GLU B 173 -0.31 -13.73 -48.85
C GLU B 173 1.03 -13.93 -49.55
N TYR B 174 1.94 -12.97 -49.35
CA TYR B 174 3.28 -12.96 -49.91
C TYR B 174 4.04 -14.28 -49.70
N PHE B 175 4.07 -14.77 -48.47
CA PHE B 175 4.68 -16.06 -48.19
C PHE B 175 3.74 -17.21 -48.56
N SER B 176 4.33 -18.38 -48.82
CA SER B 176 3.58 -19.60 -49.04
C SER B 176 3.10 -20.13 -47.69
N SER B 177 2.69 -21.39 -47.65
CA SER B 177 2.35 -22.02 -46.38
C SER B 177 3.59 -22.50 -45.62
N GLU B 178 4.53 -23.11 -46.35
CA GLU B 178 5.78 -23.60 -45.76
C GLU B 178 6.58 -22.42 -45.25
N GLU B 179 6.66 -21.38 -46.08
CA GLU B 179 7.40 -20.17 -45.74
C GLU B 179 6.81 -19.56 -44.47
N ALA B 180 5.49 -19.38 -44.47
CA ALA B 180 4.75 -18.87 -43.31
C ALA B 180 5.14 -19.63 -42.03
N GLU B 181 4.98 -20.95 -42.05
CA GLU B 181 5.34 -21.79 -40.91
C GLU B 181 6.76 -21.50 -40.44
N SER B 182 7.69 -21.51 -41.39
CA SER B 182 9.12 -21.38 -41.07
C SER B 182 9.50 -19.99 -40.58
N VAL B 183 8.83 -18.96 -41.10
CA VAL B 183 9.07 -17.57 -40.67
C VAL B 183 8.62 -17.37 -39.23
N SER B 184 7.36 -17.72 -38.95
CA SER B 184 6.80 -17.53 -37.62
C SER B 184 7.45 -18.40 -36.56
N ALA B 185 7.99 -19.55 -36.99
CA ALA B 185 8.76 -20.42 -36.11
C ALA B 185 10.06 -19.72 -35.73
N ALA B 186 10.68 -19.06 -36.71
CA ALA B 186 11.88 -18.27 -36.46
C ALA B 186 11.56 -17.03 -35.66
N CYS B 187 10.49 -16.33 -36.03
CA CYS B 187 10.08 -15.11 -35.36
C CYS B 187 9.81 -15.34 -33.88
N ASN B 188 9.09 -16.41 -33.57
CA ASN B 188 8.78 -16.75 -32.18
C ASN B 188 10.01 -17.13 -31.38
N ASP B 189 10.98 -17.77 -32.04
CA ASP B 189 12.26 -18.11 -31.41
C ASP B 189 13.01 -16.85 -31.03
N TRP B 190 13.03 -15.90 -31.95
CA TRP B 190 13.65 -14.60 -31.73
C TRP B 190 13.02 -13.89 -30.53
N ARG B 191 11.69 -13.94 -30.45
CA ARG B 191 10.95 -13.31 -29.36
C ARG B 191 11.10 -14.08 -28.05
N ASP B 192 11.49 -15.36 -28.15
CA ASP B 192 11.49 -16.27 -27.00
C ASP B 192 12.79 -16.29 -26.21
N SER B 193 13.89 -15.86 -26.82
CA SER B 193 15.18 -15.85 -26.15
C SER B 193 15.56 -14.45 -25.70
N ASP B 194 15.88 -14.33 -24.43
CA ASP B 194 16.11 -13.05 -23.75
C ASP B 194 17.11 -12.10 -24.43
N LEU B 195 18.07 -12.67 -25.17
CA LEU B 195 19.10 -11.86 -25.81
C LEU B 195 18.60 -11.09 -27.03
N THR B 196 17.59 -11.63 -27.71
CA THR B 196 17.11 -11.05 -28.97
C THR B 196 15.69 -10.48 -28.90
N THR B 197 15.00 -10.75 -27.78
CA THR B 197 13.59 -10.39 -27.66
C THR B 197 13.31 -8.91 -27.91
N ASP B 198 14.14 -8.05 -27.33
CA ASP B 198 13.94 -6.61 -27.41
C ASP B 198 14.84 -5.93 -28.43
N VAL B 199 15.33 -6.72 -29.39
CA VAL B 199 16.05 -6.18 -30.55
C VAL B 199 15.01 -5.98 -31.66
N PRO B 200 14.52 -4.74 -31.82
CA PRO B 200 13.32 -4.50 -32.64
C PRO B 200 13.56 -4.34 -34.14
N PHE B 201 14.80 -4.56 -34.59
CA PHE B 201 15.14 -4.52 -36.02
C PHE B 201 16.02 -5.72 -36.39
N PHE B 202 15.69 -6.39 -37.51
CA PHE B 202 16.35 -7.64 -37.88
C PHE B 202 16.22 -7.97 -39.38
N LEU B 203 17.00 -8.95 -39.84
CA LEU B 203 16.84 -9.47 -41.20
C LEU B 203 16.13 -10.82 -41.21
N VAL B 204 15.16 -10.95 -42.11
CA VAL B 204 14.52 -12.23 -42.38
C VAL B 204 14.97 -12.73 -43.75
N SER B 205 15.70 -13.83 -43.74
CA SER B 205 16.11 -14.52 -44.96
C SER B 205 15.37 -15.84 -45.08
N VAL B 206 14.98 -16.17 -46.30
CA VAL B 206 14.28 -17.42 -46.58
C VAL B 206 14.97 -18.10 -47.75
N SER B 207 15.50 -19.30 -47.50
CA SER B 207 16.21 -20.07 -48.52
C SER B 207 15.26 -20.55 -49.62
N SER B 208 15.83 -20.89 -50.77
CA SER B 208 15.04 -21.44 -51.88
C SER B 208 14.32 -22.74 -51.49
N ASP B 209 14.83 -23.38 -50.43
CA ASP B 209 14.23 -24.58 -49.84
C ASP B 209 13.01 -24.21 -48.98
N SER B 210 12.76 -22.91 -48.85
CA SER B 210 11.66 -22.36 -48.05
C SER B 210 11.93 -22.49 -46.54
N LYS B 211 13.19 -22.32 -46.16
CA LYS B 211 13.60 -22.33 -44.76
C LYS B 211 13.99 -20.92 -44.33
N ALA B 212 13.42 -20.46 -43.22
CA ALA B 212 13.59 -19.08 -42.77
C ALA B 212 14.45 -18.97 -41.51
N SER B 213 15.29 -17.94 -41.49
CA SER B 213 16.15 -17.66 -40.34
C SER B 213 16.31 -16.15 -40.18
N ILE B 214 16.41 -15.72 -38.92
CA ILE B 214 16.48 -14.31 -38.57
C ILE B 214 17.88 -13.94 -38.06
N ARG B 215 18.51 -12.99 -38.74
CA ARG B 215 19.87 -12.58 -38.36
C ARG B 215 19.93 -11.09 -37.99
N HIS B 216 20.97 -10.73 -37.24
CA HIS B 216 21.20 -9.34 -36.84
C HIS B 216 21.56 -8.47 -38.03
N LEU B 217 21.32 -7.17 -37.91
CA LEU B 217 21.59 -6.21 -38.99
C LEU B 217 23.04 -6.19 -39.47
N LYS B 218 23.98 -6.32 -38.54
CA LYS B 218 25.40 -6.37 -38.88
C LYS B 218 25.77 -7.57 -39.75
N ASP B 219 24.97 -8.62 -39.70
CA ASP B 219 25.23 -9.85 -40.45
C ASP B 219 24.70 -9.81 -41.89
N LEU B 220 24.29 -8.63 -42.34
CA LEU B 220 23.77 -8.41 -43.70
C LEU B 220 24.64 -9.06 -44.78
N GLU B 221 25.95 -8.85 -44.68
CA GLU B 221 26.93 -9.40 -45.63
C GLU B 221 26.95 -10.94 -45.66
N ALA B 222 26.52 -11.51 -44.56
CA ALA B 222 26.41 -12.93 -44.32
C ALA B 222 25.32 -13.52 -45.11
N CYS B 223 24.42 -12.63 -45.50
CA CYS B 223 23.05 -12.89 -45.92
C CYS B 223 22.80 -12.71 -47.40
N GLN B 224 23.86 -12.65 -48.17
CA GLN B 224 23.76 -12.47 -49.58
C GLN B 224 23.81 -13.75 -50.35
N GLY B 225 24.02 -14.87 -49.70
CA GLY B 225 24.47 -16.06 -50.40
C GLY B 225 23.75 -16.84 -51.49
N ASP B 226 22.47 -17.12 -51.38
CA ASP B 226 21.86 -18.06 -52.31
C ASP B 226 20.81 -17.39 -53.14
N HIS B 227 19.90 -18.14 -53.71
CA HIS B 227 18.80 -17.54 -54.40
C HIS B 227 17.74 -17.27 -53.42
N GLN B 228 18.10 -16.57 -52.38
CA GLN B 228 17.38 -16.48 -51.17
C GLN B 228 16.91 -15.09 -51.04
N LYS B 229 15.65 -14.92 -50.68
CA LYS B 229 15.08 -13.63 -50.35
C LYS B 229 15.58 -13.11 -49.04
N LEU B 230 15.78 -11.81 -48.97
CA LEU B 230 16.10 -11.09 -47.75
C LEU B 230 15.15 -9.97 -47.51
N LEU B 231 14.62 -9.90 -46.31
CA LEU B 231 13.64 -8.90 -45.89
C LEU B 231 14.10 -8.14 -44.64
N PHE B 232 14.01 -6.81 -44.71
CA PHE B 232 14.37 -5.95 -43.58
C PHE B 232 13.20 -5.86 -42.60
N GLY B 233 13.20 -6.75 -41.63
CA GLY B 233 12.12 -6.82 -40.65
C GLY B 233 12.25 -5.81 -39.53
N PHE B 234 11.11 -5.47 -38.92
CA PHE B 234 11.08 -4.59 -37.76
C PHE B 234 9.80 -4.83 -36.97
N TYR B 235 9.87 -4.67 -35.65
CA TYR B 235 8.69 -4.69 -34.79
C TYR B 235 7.83 -3.52 -35.21
N ASP B 236 6.67 -3.82 -35.81
CA ASP B 236 5.74 -2.79 -36.25
C ASP B 236 4.69 -2.55 -35.17
N PRO B 237 4.70 -1.34 -34.58
CA PRO B 237 3.70 -1.01 -33.56
C PRO B 237 2.32 -0.80 -34.13
N CYS B 238 2.24 -0.53 -35.44
CA CYS B 238 0.98 -0.23 -36.13
C CYS B 238 0.12 -1.48 -36.44
N HIS B 239 -1.19 -1.30 -36.39
CA HIS B 239 -2.16 -2.37 -36.67
C HIS B 239 -2.79 -2.27 -38.06
N LEU B 240 -2.78 -1.06 -38.63
CA LEU B 240 -3.41 -0.77 -39.92
C LEU B 240 -2.88 -1.65 -41.06
N PRO B 241 -3.80 -2.24 -41.86
CA PRO B 241 -3.41 -3.22 -42.89
C PRO B 241 -2.96 -2.62 -44.22
N SER B 242 -2.85 -1.29 -44.28
CA SER B 242 -2.46 -0.58 -45.52
C SER B 242 -1.28 0.38 -45.35
N ASN B 243 -0.78 0.49 -44.13
CA ASN B 243 0.36 1.36 -43.84
C ASN B 243 1.34 0.70 -42.87
N PRO B 244 2.65 0.90 -43.09
CA PRO B 244 3.65 0.48 -42.11
C PRO B 244 3.77 1.48 -40.97
N GLY B 245 4.31 1.03 -39.84
CA GLY B 245 4.46 1.89 -38.66
C GLY B 245 5.56 2.93 -38.80
N TRP B 246 5.57 3.87 -37.86
CA TRP B 246 6.54 4.98 -37.85
C TRP B 246 8.02 4.56 -37.85
N PRO B 247 8.38 3.48 -37.12
CA PRO B 247 9.81 3.09 -37.05
C PRO B 247 10.45 2.70 -38.38
N LEU B 248 9.65 2.55 -39.44
CA LEU B 248 10.18 2.20 -40.75
C LEU B 248 10.97 3.35 -41.35
N ARG B 249 10.60 4.59 -40.98
CA ARG B 249 11.23 5.81 -41.48
C ARG B 249 12.75 5.84 -41.27
N ASN B 250 13.17 5.91 -40.01
CA ASN B 250 14.60 5.93 -39.70
C ASN B 250 15.28 4.60 -40.05
N TYR B 251 14.50 3.53 -40.10
CA TYR B 251 15.00 2.22 -40.51
C TYR B 251 15.44 2.24 -41.98
N LEU B 252 14.58 2.78 -42.85
CA LEU B 252 14.89 2.92 -44.27
C LEU B 252 16.02 3.92 -44.51
N ALA B 253 16.14 4.89 -43.61
CA ALA B 253 17.22 5.87 -43.63
C ALA B 253 18.57 5.18 -43.41
N LEU B 254 18.61 4.26 -42.45
CA LEU B 254 19.82 3.49 -42.16
C LEU B 254 20.18 2.60 -43.37
N ILE B 255 19.16 1.98 -43.96
CA ILE B 255 19.36 1.07 -45.08
C ILE B 255 20.00 1.81 -46.26
N ARG B 256 19.44 2.98 -46.61
CA ARG B 256 20.02 3.81 -47.66
C ARG B 256 21.41 4.32 -47.29
N SER B 257 21.55 4.82 -46.07
CA SER B 257 22.80 5.42 -45.63
C SER B 257 23.97 4.43 -45.55
N ARG B 258 23.65 3.15 -45.36
CA ARG B 258 24.70 2.14 -45.26
C ARG B 258 24.92 1.40 -46.58
N TRP B 259 23.85 0.85 -47.16
CA TRP B 259 23.99 -0.04 -48.31
C TRP B 259 23.43 0.51 -49.63
N ASN B 260 22.92 1.73 -49.59
CA ASN B 260 22.40 2.44 -50.78
C ASN B 260 21.53 1.59 -51.71
N LEU B 261 20.60 0.83 -51.14
CA LEU B 261 19.71 0.00 -51.93
C LEU B 261 18.63 0.83 -52.61
N GLU B 262 18.39 0.54 -53.89
CA GLU B 262 17.34 1.20 -54.65
C GLU B 262 15.98 0.55 -54.37
N THR B 263 15.98 -0.77 -54.25
CA THR B 263 14.76 -1.52 -53.94
C THR B 263 14.90 -2.31 -52.63
N VAL B 264 13.97 -2.04 -51.70
CA VAL B 264 14.02 -2.63 -50.36
C VAL B 264 12.74 -3.40 -50.00
N TRP B 265 12.89 -4.68 -49.68
CA TRP B 265 11.81 -5.48 -49.14
C TRP B 265 11.80 -5.37 -47.63
N PHE B 266 10.67 -4.96 -47.07
CA PHE B 266 10.53 -4.76 -45.63
C PHE B 266 9.43 -5.62 -45.02
N PHE B 267 9.64 -6.03 -43.78
CA PHE B 267 8.74 -6.94 -43.09
C PHE B 267 8.19 -6.27 -41.83
N CYS B 268 6.91 -5.91 -41.90
CA CYS B 268 6.20 -5.29 -40.79
C CYS B 268 5.78 -6.37 -39.81
N TYR B 269 6.60 -6.60 -38.79
CA TYR B 269 6.35 -7.67 -37.85
C TYR B 269 5.33 -7.28 -36.79
N ARG B 270 4.22 -8.00 -36.78
CA ARG B 270 3.11 -7.80 -35.85
C ARG B 270 2.71 -9.16 -35.31
N GLU B 271 2.10 -9.18 -34.13
CA GLU B 271 1.65 -10.45 -33.55
C GLU B 271 0.26 -10.41 -32.92
N SER B 272 -0.26 -11.59 -32.61
CA SER B 272 -1.55 -11.73 -31.94
C SER B 272 -1.54 -12.95 -31.04
N ARG B 273 -2.16 -12.81 -29.87
CA ARG B 273 -2.15 -13.83 -28.82
C ARG B 273 -0.76 -14.08 -28.23
N GLY B 274 0.18 -13.18 -28.51
CA GLY B 274 1.52 -13.27 -27.95
C GLY B 274 2.54 -13.95 -28.84
N PHE B 275 2.10 -14.37 -30.03
CA PHE B 275 2.99 -15.01 -31.01
C PHE B 275 2.83 -14.35 -32.37
N ALA B 276 3.84 -14.51 -33.23
CA ALA B 276 3.82 -13.97 -34.59
C ALA B 276 2.50 -14.28 -35.30
N ASP B 277 1.91 -13.24 -35.89
CA ASP B 277 0.68 -13.38 -36.68
C ASP B 277 0.93 -12.78 -38.05
N LEU B 278 0.92 -13.64 -39.07
CA LEU B 278 1.31 -13.25 -40.43
C LEU B 278 0.16 -12.77 -41.32
N ASN B 279 -1.08 -12.97 -40.89
CA ASN B 279 -2.22 -12.34 -41.57
C ASN B 279 -2.27 -10.87 -41.23
N LEU B 280 -1.80 -10.54 -40.02
CA LEU B 280 -1.73 -9.18 -39.53
C LEU B 280 -0.48 -8.50 -40.07
N SER B 281 0.64 -9.22 -40.00
CA SER B 281 1.94 -8.73 -40.46
C SER B 281 1.91 -8.43 -41.96
N LEU B 282 2.81 -7.56 -42.41
CA LEU B 282 2.82 -7.13 -43.80
C LEU B 282 4.19 -7.22 -44.43
N VAL B 283 4.21 -7.66 -45.69
CA VAL B 283 5.41 -7.59 -46.51
C VAL B 283 5.19 -6.51 -47.56
N GLY B 284 6.19 -5.66 -47.74
CA GLY B 284 6.14 -4.62 -48.75
C GLY B 284 7.48 -4.44 -49.42
N GLN B 285 7.46 -3.84 -50.61
CA GLN B 285 8.70 -3.38 -51.23
C GLN B 285 8.62 -1.90 -51.58
N ALA B 286 9.61 -1.16 -51.09
CA ALA B 286 9.69 0.28 -51.27
C ALA B 286 10.78 0.61 -52.27
N SER B 287 10.76 1.85 -52.77
CA SER B 287 11.72 2.30 -53.76
C SER B 287 12.33 3.64 -53.36
N ILE B 288 13.66 3.68 -53.30
CA ILE B 288 14.39 4.90 -52.97
C ILE B 288 15.32 5.29 -54.12
N THR B 289 15.47 6.60 -54.35
CA THR B 289 16.11 7.10 -55.58
C THR B 289 17.65 7.03 -55.58
N LEU B 290 18.27 7.32 -54.43
CA LEU B 290 19.74 7.42 -54.28
C LEU B 290 20.22 8.85 -54.14
N ALA B 296 28.45 14.29 -51.06
CA ALA B 296 28.35 14.83 -49.70
C ALA B 296 26.92 15.22 -49.35
N GLU B 297 26.43 14.69 -48.23
CA GLU B 297 25.08 15.00 -47.74
C GLU B 297 25.01 15.10 -46.21
N THR B 298 24.10 15.92 -45.72
CA THR B 298 23.92 16.14 -44.30
C THR B 298 22.57 15.64 -43.78
N VAL B 299 22.22 16.03 -42.55
CA VAL B 299 21.01 15.59 -41.89
C VAL B 299 19.74 16.09 -42.59
N PRO B 300 18.83 15.20 -42.94
CA PRO B 300 17.62 15.63 -43.61
C PRO B 300 16.73 16.28 -42.59
N ASN B 301 15.58 16.72 -43.04
CA ASN B 301 14.48 17.09 -42.17
C ASN B 301 13.74 16.02 -41.49
N SER B 302 13.28 16.41 -40.32
CA SER B 302 12.67 15.62 -39.32
C SER B 302 11.28 16.11 -39.16
N VAL B 303 10.39 15.21 -38.78
CA VAL B 303 9.04 15.55 -38.52
C VAL B 303 8.73 14.75 -37.31
N GLY B 304 7.71 15.15 -36.59
CA GLY B 304 6.83 14.24 -35.92
C GLY B 304 6.70 14.64 -34.48
N TRP B 305 5.70 15.45 -34.22
CA TRP B 305 5.30 15.78 -32.93
C TRP B 305 3.96 15.22 -32.92
N GLU B 306 3.63 14.50 -31.88
CA GLU B 306 2.44 13.74 -31.78
C GLU B 306 1.30 14.68 -31.61
N LEU B 307 0.16 14.22 -32.06
CA LEU B 307 -0.95 14.99 -32.50
C LEU B 307 -1.99 14.60 -31.53
N ASN B 308 -2.83 15.52 -31.12
CA ASN B 308 -3.80 15.24 -30.11
C ASN B 308 -5.19 15.25 -30.65
N LYS B 309 -5.86 14.14 -30.59
CA LYS B 309 -7.20 14.13 -31.04
C LYS B 309 -7.21 14.89 -32.31
N GLY B 310 -6.11 14.86 -33.03
CA GLY B 310 -6.09 15.46 -34.33
C GLY B 310 -5.20 16.63 -34.62
N LYS B 311 -4.80 17.41 -33.62
CA LYS B 311 -4.09 18.65 -33.87
C LYS B 311 -2.81 18.91 -33.12
N ARG B 312 -1.99 19.79 -33.66
CA ARG B 312 -0.74 20.13 -33.06
C ARG B 312 -0.99 20.75 -31.74
N VAL B 313 -1.18 19.93 -30.75
CA VAL B 313 -1.50 20.40 -29.40
C VAL B 313 -0.87 19.46 -28.35
N PRO B 314 -0.42 20.00 -27.20
CA PRO B 314 0.15 19.14 -26.16
C PRO B 314 -0.92 18.38 -25.37
N ARG B 315 -0.50 17.38 -24.59
CA ARG B 315 -1.43 16.58 -23.80
C ARG B 315 -1.34 16.97 -22.33
N SER B 316 -2.46 16.82 -21.61
CA SER B 316 -2.47 17.14 -20.18
C SER B 316 -3.25 16.11 -19.36
N ILE B 317 -2.68 15.75 -18.23
CA ILE B 317 -3.30 14.79 -17.31
C ILE B 317 -3.24 15.31 -15.87
N SER B 318 -4.39 15.32 -15.20
CA SER B 318 -4.47 15.73 -13.81
C SER B 318 -4.57 14.49 -12.92
N LEU B 319 -3.56 14.30 -12.07
CA LEU B 319 -3.51 13.14 -11.16
C LEU B 319 -3.73 13.53 -9.70
N ALA B 320 -4.36 14.68 -9.49
CA ALA B 320 -4.63 15.20 -8.14
C ALA B 320 -5.45 14.24 -7.29
N ASN B 321 -6.35 13.50 -7.91
CA ASN B 321 -7.15 12.48 -7.23
C ASN B 321 -6.36 11.22 -6.89
N SER B 322 -5.31 10.90 -7.62
CA SER B 322 -4.60 9.68 -7.27
C SER B 322 -3.53 9.92 -6.24
N MET B 323 -2.55 10.71 -6.56
CA MET B 323 -1.61 11.08 -5.49
C MET B 323 -1.10 9.89 -4.69
N PRO C 2 -1.22 -26.95 -2.11
CA PRO C 2 -1.67 -28.34 -2.12
C PRO C 2 -2.72 -28.61 -3.20
N HIS C 3 -2.86 -29.88 -3.59
CA HIS C 3 -3.81 -30.30 -4.61
C HIS C 3 -5.19 -30.59 -4.03
N MET C 4 -5.25 -30.84 -2.72
CA MET C 4 -6.51 -31.05 -2.03
C MET C 4 -7.15 -29.72 -1.65
N ALA C 5 -6.30 -28.76 -1.26
CA ALA C 5 -6.74 -27.41 -0.93
C ALA C 5 -7.30 -26.70 -2.17
N PHE C 6 -6.74 -27.05 -3.32
CA PHE C 6 -7.16 -26.50 -4.61
C PHE C 6 -8.55 -27.01 -5.00
N LYS C 7 -8.79 -28.31 -4.81
CA LYS C 7 -10.04 -28.94 -5.20
C LYS C 7 -11.19 -28.63 -4.23
N GLU C 8 -10.86 -28.53 -2.94
CA GLU C 8 -11.87 -28.40 -1.90
C GLU C 8 -12.14 -26.97 -1.43
N LYS C 9 -11.17 -26.07 -1.60
CA LYS C 9 -11.34 -24.68 -1.19
C LYS C 9 -11.28 -23.69 -2.35
N GLY C 10 -10.67 -24.11 -3.46
CA GLY C 10 -10.43 -23.24 -4.61
C GLY C 10 -9.29 -22.26 -4.38
N VAL C 11 -8.39 -22.61 -3.46
CA VAL C 11 -7.31 -21.73 -3.06
C VAL C 11 -5.98 -22.05 -3.76
N LEU C 12 -4.98 -21.23 -3.49
CA LEU C 12 -3.74 -21.23 -4.24
C LEU C 12 -2.61 -20.79 -3.31
N SER C 13 -1.55 -21.59 -3.23
CA SER C 13 -0.41 -21.21 -2.40
C SER C 13 0.54 -20.30 -3.18
N VAL C 14 1.41 -19.59 -2.46
CA VAL C 14 2.33 -18.64 -3.09
C VAL C 14 3.20 -19.29 -4.17
N SER C 15 3.76 -20.46 -3.87
CA SER C 15 4.59 -21.20 -4.83
C SER C 15 3.77 -21.63 -6.04
N GLU C 16 2.54 -22.08 -5.77
CA GLU C 16 1.60 -22.49 -6.80
C GLU C 16 1.16 -21.29 -7.64
N PHE C 17 1.12 -20.12 -7.03
CA PHE C 17 0.80 -18.89 -7.74
C PHE C 17 1.90 -18.53 -8.75
N VAL C 18 3.15 -18.67 -8.32
CA VAL C 18 4.31 -18.44 -9.20
C VAL C 18 4.31 -19.49 -10.31
N LEU C 19 3.89 -20.70 -9.95
CA LEU C 19 3.79 -21.81 -10.89
C LEU C 19 2.74 -21.52 -11.98
N ALA C 20 1.53 -21.17 -11.57
CA ALA C 20 0.45 -20.88 -12.50
C ALA C 20 0.76 -19.65 -13.34
N GLY C 21 1.35 -18.63 -12.69
CA GLY C 21 1.76 -17.40 -13.36
C GLY C 21 2.81 -17.62 -14.43
N ASP C 22 3.78 -18.49 -14.13
CA ASP C 22 4.78 -18.90 -15.11
C ASP C 22 4.13 -19.56 -16.31
N ASN C 23 3.11 -20.37 -16.05
CA ASN C 23 2.40 -21.05 -17.11
C ASN C 23 1.55 -20.11 -17.95
N LEU C 24 0.99 -19.08 -17.33
CA LEU C 24 0.24 -18.06 -18.07
C LEU C 24 1.14 -17.30 -19.03
N VAL C 25 2.31 -16.90 -18.55
CA VAL C 25 3.30 -16.20 -19.39
C VAL C 25 3.76 -17.07 -20.55
N SER C 26 4.03 -18.35 -20.27
CA SER C 26 4.46 -19.30 -21.27
C SER C 26 3.44 -19.48 -22.40
N LYS C 27 2.19 -19.76 -22.05
CA LYS C 27 1.12 -19.96 -23.05
C LYS C 27 0.66 -18.63 -23.68
N CYS C 28 0.50 -17.59 -22.86
CA CYS C 28 0.02 -16.29 -23.35
C CYS C 28 1.04 -15.18 -23.08
N PRO C 29 2.05 -15.05 -23.97
CA PRO C 29 3.17 -14.13 -23.76
C PRO C 29 2.78 -12.66 -23.75
N THR C 30 1.50 -12.37 -23.92
CA THR C 30 0.96 -11.01 -23.73
C THR C 30 1.06 -10.61 -22.25
N TRP C 31 1.01 -11.62 -21.39
CA TRP C 31 1.19 -11.42 -19.95
C TRP C 31 2.68 -11.43 -19.60
N SER C 32 3.06 -10.53 -18.69
CA SER C 32 4.43 -10.45 -18.20
C SER C 32 4.47 -10.40 -16.69
N TRP C 33 5.57 -10.90 -16.11
CA TRP C 33 5.85 -10.73 -14.70
C TRP C 33 6.33 -9.31 -14.44
N GLU C 34 6.08 -8.81 -13.23
CA GLU C 34 6.57 -7.49 -12.82
C GLU C 34 7.17 -7.50 -11.42
N SER C 35 8.03 -6.52 -11.14
CA SER C 35 8.59 -6.30 -9.80
C SER C 35 7.80 -5.26 -9.03
N GLY C 36 7.33 -4.24 -9.73
CA GLY C 36 6.61 -3.12 -9.12
C GLY C 36 7.52 -2.22 -8.29
N ASP C 37 6.91 -1.41 -7.42
CA ASP C 37 7.66 -0.53 -6.51
C ASP C 37 8.47 -1.33 -5.50
N ALA C 38 9.75 -1.00 -5.38
CA ALA C 38 10.67 -1.70 -4.49
C ALA C 38 10.21 -1.64 -3.03
N SER C 39 9.59 -0.51 -2.66
CA SER C 39 9.06 -0.29 -1.31
C SER C 39 7.79 -1.09 -1.04
N LYS C 40 7.14 -1.55 -2.10
CA LYS C 40 5.88 -2.29 -1.98
C LYS C 40 6.08 -3.79 -2.22
N ARG C 41 7.34 -4.22 -2.25
CA ARG C 41 7.68 -5.64 -2.45
C ARG C 41 7.12 -6.54 -1.37
N LYS C 42 6.71 -7.73 -1.76
CA LYS C 42 6.29 -8.75 -0.81
C LYS C 42 7.39 -9.80 -0.68
N PRO C 43 7.93 -9.98 0.54
CA PRO C 43 9.09 -10.84 0.76
C PRO C 43 8.81 -12.33 0.52
N TYR C 44 7.54 -12.71 0.52
CA TYR C 44 7.11 -14.09 0.32
C TYR C 44 6.95 -14.44 -1.17
N LEU C 45 7.20 -13.47 -2.04
CA LEU C 45 7.18 -13.66 -3.48
C LEU C 45 8.52 -13.23 -4.07
N PRO C 46 9.01 -13.94 -5.10
CA PRO C 46 10.26 -13.56 -5.78
C PRO C 46 10.23 -12.10 -6.21
N SER C 47 11.34 -11.38 -6.00
CA SER C 47 11.38 -9.93 -6.25
C SER C 47 11.04 -9.55 -7.69
N ASP C 48 11.45 -10.39 -8.64
CA ASP C 48 11.21 -10.17 -10.06
C ASP C 48 9.84 -10.73 -10.49
N LYS C 49 9.12 -11.34 -9.55
CA LYS C 49 7.82 -11.96 -9.84
C LYS C 49 6.77 -11.59 -8.77
N GLN C 50 6.45 -10.32 -8.67
CA GLN C 50 5.50 -9.83 -7.66
C GLN C 50 4.04 -9.89 -8.13
N PHE C 51 3.80 -9.46 -9.37
CA PHE C 51 2.49 -9.58 -9.99
C PHE C 51 2.60 -9.79 -11.50
N LEU C 52 1.47 -10.08 -12.13
CA LEU C 52 1.41 -10.30 -13.58
C LEU C 52 0.62 -9.18 -14.22
N ILE C 53 1.09 -8.68 -15.36
CA ILE C 53 0.41 -7.59 -16.06
C ILE C 53 0.34 -7.83 -17.58
N THR C 54 -0.69 -7.26 -18.21
CA THR C 54 -0.79 -7.21 -19.66
C THR C 54 -1.28 -5.83 -20.11
N ARG C 55 -0.56 -5.23 -21.05
CA ARG C 55 -0.82 -3.85 -21.47
C ARG C 55 -1.57 -3.74 -22.78
N ASN C 56 -2.16 -2.57 -23.01
CA ASN C 56 -2.73 -2.19 -24.31
C ASN C 56 -3.83 -3.13 -24.81
N VAL C 57 -4.65 -3.61 -23.89
CA VAL C 57 -5.69 -4.60 -24.20
C VAL C 57 -6.98 -3.89 -24.64
N PRO C 58 -7.42 -4.12 -25.89
CA PRO C 58 -8.56 -3.39 -26.45
C PRO C 58 -9.92 -3.78 -25.89
N CYS C 59 -10.81 -2.79 -25.83
CA CYS C 59 -12.20 -2.93 -25.42
C CYS C 59 -13.04 -2.06 -26.34
N LEU C 60 -13.56 -2.66 -27.40
CA LEU C 60 -14.15 -1.92 -28.52
C LEU C 60 -15.58 -1.41 -28.29
N ARG C 61 -16.27 -2.00 -27.32
CA ARG C 61 -17.63 -1.60 -26.94
C ARG C 61 -17.84 -1.80 -25.44
N ARG C 62 -18.85 -1.14 -24.89
CA ARG C 62 -19.19 -1.27 -23.47
C ARG C 62 -19.90 -2.60 -23.18
N ALA C 63 -19.93 -2.96 -21.90
CA ALA C 63 -20.51 -4.23 -21.44
C ALA C 63 -22.00 -4.37 -21.74
N ALA C 64 -22.71 -3.24 -21.80
CA ALA C 64 -24.14 -3.23 -22.13
C ALA C 64 -24.40 -3.63 -23.60
N SER C 65 -23.37 -4.19 -24.25
CA SER C 65 -23.39 -4.61 -25.66
C SER C 65 -23.69 -3.48 -26.64
N LEU C 169 -19.69 1.86 -28.09
CA LEU C 169 -19.36 1.78 -29.52
C LEU C 169 -18.06 2.52 -29.85
N ARG C 170 -17.40 3.05 -28.82
CA ARG C 170 -16.11 3.73 -28.95
C ARG C 170 -15.03 2.90 -28.25
N THR C 171 -13.83 2.89 -28.82
CA THR C 171 -12.78 1.95 -28.38
C THR C 171 -11.92 2.44 -27.22
N ARG C 172 -11.81 1.61 -26.20
CA ARG C 172 -10.99 1.88 -25.02
C ARG C 172 -9.97 0.77 -24.84
N THR C 173 -8.80 1.10 -24.28
CA THR C 173 -7.78 0.09 -24.00
C THR C 173 -7.57 -0.08 -22.50
N TYR C 174 -7.13 -1.26 -22.09
CA TYR C 174 -6.94 -1.58 -20.67
C TYR C 174 -5.56 -2.13 -20.35
N ASP C 175 -5.04 -1.72 -19.20
CA ASP C 175 -3.92 -2.40 -18.56
C ASP C 175 -4.53 -3.16 -17.40
N LEU C 176 -4.29 -4.47 -17.34
CA LEU C 176 -4.88 -5.27 -16.27
C LEU C 176 -3.92 -6.24 -15.60
N SER C 177 -3.75 -6.07 -14.29
CA SER C 177 -2.81 -6.88 -13.52
C SER C 177 -3.49 -7.95 -12.68
N ILE C 178 -2.73 -8.99 -12.35
CA ILE C 178 -3.16 -10.04 -11.44
C ILE C 178 -2.15 -10.09 -10.28
N THR C 179 -2.63 -9.77 -9.08
CA THR C 179 -1.84 -9.83 -7.86
C THR C 179 -2.26 -11.07 -7.09
N TYR C 180 -1.48 -11.42 -6.07
CA TYR C 180 -1.82 -12.53 -5.20
C TYR C 180 -2.26 -12.02 -3.83
N ASP C 181 -3.54 -12.22 -3.52
CA ASP C 181 -4.11 -11.84 -2.23
C ASP C 181 -3.77 -12.91 -1.19
N LYS C 182 -2.82 -12.58 -0.31
CA LYS C 182 -2.30 -13.54 0.68
C LYS C 182 -3.38 -14.05 1.65
N TYR C 183 -4.39 -13.23 1.89
CA TYR C 183 -5.47 -13.56 2.83
C TYR C 183 -6.45 -14.60 2.26
N TYR C 184 -6.97 -14.32 1.08
CA TYR C 184 -7.95 -15.22 0.45
C TYR C 184 -7.27 -16.40 -0.23
N GLN C 185 -5.96 -16.31 -0.40
CA GLN C 185 -5.17 -17.30 -1.14
C GLN C 185 -5.68 -17.47 -2.58
N THR C 186 -6.11 -16.36 -3.17
CA THR C 186 -6.58 -16.33 -4.56
C THR C 186 -5.97 -15.13 -5.30
N PRO C 187 -5.88 -15.23 -6.65
CA PRO C 187 -5.48 -14.07 -7.44
C PRO C 187 -6.50 -12.94 -7.38
N ARG C 188 -6.04 -11.72 -7.68
CA ARG C 188 -6.94 -10.57 -7.80
C ARG C 188 -6.69 -9.79 -9.08
N VAL C 189 -7.76 -9.44 -9.79
CA VAL C 189 -7.66 -8.70 -11.04
C VAL C 189 -7.86 -7.21 -10.81
N TRP C 190 -6.90 -6.42 -11.30
CA TRP C 190 -6.94 -4.96 -11.21
C TRP C 190 -6.85 -4.39 -12.62
N LEU C 191 -7.77 -3.49 -12.96
CA LEU C 191 -7.78 -2.91 -14.30
C LEU C 191 -7.63 -1.40 -14.33
N THR C 192 -6.93 -0.91 -15.37
CA THR C 192 -6.73 0.50 -15.62
C THR C 192 -7.18 0.83 -17.04
N GLY C 193 -8.27 1.57 -17.16
CA GLY C 193 -8.85 1.90 -18.47
C GLY C 193 -8.22 3.11 -19.12
N TYR C 194 -8.35 3.20 -20.45
CA TYR C 194 -7.79 4.31 -21.21
C TYR C 194 -8.71 4.85 -22.31
N ASP C 195 -8.52 6.14 -22.60
CA ASP C 195 -9.28 6.90 -23.60
C ASP C 195 -9.07 6.36 -25.01
N GLU C 196 -9.90 6.81 -25.95
CA GLU C 196 -9.73 6.47 -27.37
C GLU C 196 -8.40 7.01 -27.92
N SER C 197 -7.89 8.07 -27.29
CA SER C 197 -6.57 8.61 -27.60
C SER C 197 -5.60 8.35 -26.44
N ARG C 198 -5.74 7.16 -25.84
CA ARG C 198 -4.85 6.64 -24.80
C ARG C 198 -4.52 7.60 -23.66
N MET C 199 -5.56 8.21 -23.10
CA MET C 199 -5.47 8.99 -21.87
C MET C 199 -6.18 8.25 -20.75
N LEU C 200 -5.67 8.37 -19.53
CA LEU C 200 -6.19 7.62 -18.40
C LEU C 200 -7.67 7.91 -18.14
N LEU C 201 -8.48 6.86 -18.18
CA LEU C 201 -9.91 6.95 -17.83
C LEU C 201 -10.09 7.06 -16.33
N GLN C 202 -11.16 7.73 -15.89
CA GLN C 202 -11.48 7.80 -14.47
C GLN C 202 -12.05 6.46 -14.01
N PRO C 203 -11.50 5.90 -12.92
CA PRO C 203 -11.84 4.58 -12.38
C PRO C 203 -13.33 4.20 -12.38
N GLU C 204 -14.23 5.15 -12.14
CA GLU C 204 -15.67 4.83 -12.11
C GLU C 204 -16.30 4.61 -13.49
N LEU C 205 -15.60 5.05 -14.54
CA LEU C 205 -16.04 4.83 -15.92
C LEU C 205 -15.81 3.38 -16.37
N VAL C 206 -14.92 2.69 -15.67
CA VAL C 206 -14.61 1.29 -15.94
C VAL C 206 -15.79 0.38 -15.62
N MET C 207 -16.62 0.81 -14.66
CA MET C 207 -17.83 0.10 -14.28
C MET C 207 -18.76 -0.14 -15.46
N GLU C 208 -18.59 0.64 -16.51
CA GLU C 208 -19.36 0.49 -17.73
C GLU C 208 -18.92 -0.74 -18.53
N ASP C 209 -17.70 -1.22 -18.26
CA ASP C 209 -17.14 -2.40 -18.91
C ASP C 209 -17.22 -3.64 -18.01
N VAL C 210 -17.71 -3.43 -16.80
CA VAL C 210 -18.08 -4.51 -15.89
C VAL C 210 -19.50 -4.95 -16.24
N SER C 211 -19.71 -6.26 -16.32
CA SER C 211 -21.03 -6.81 -16.61
C SER C 211 -22.00 -6.54 -15.46
N GLN C 212 -23.17 -6.00 -15.82
CA GLN C 212 -24.23 -5.71 -14.84
C GLN C 212 -25.06 -6.97 -14.52
N ASP C 213 -24.58 -8.12 -14.99
CA ASP C 213 -25.26 -9.41 -14.77
C ASP C 213 -25.13 -9.88 -13.33
N THR C 218 -19.12 -8.13 -7.37
CA THR C 218 -18.99 -6.74 -6.95
C THR C 218 -17.59 -6.19 -7.16
N VAL C 219 -17.52 -5.03 -7.83
CA VAL C 219 -16.27 -4.36 -8.16
C VAL C 219 -16.14 -3.09 -7.33
N THR C 220 -14.91 -2.74 -6.97
CA THR C 220 -14.66 -1.61 -6.07
C THR C 220 -13.34 -0.90 -6.39
N ILE C 221 -13.26 0.38 -6.05
CA ILE C 221 -12.06 1.18 -6.28
C ILE C 221 -11.15 1.12 -5.05
N GLU C 222 -9.87 0.85 -5.28
CA GLU C 222 -8.87 0.79 -4.20
C GLU C 222 -7.44 1.02 -4.68
N ASP C 223 -6.51 1.14 -3.73
CA ASP C 223 -5.09 1.27 -4.02
C ASP C 223 -4.53 -0.08 -4.43
N HIS C 224 -3.62 -0.07 -5.40
CA HIS C 224 -2.93 -1.27 -5.86
C HIS C 224 -1.83 -1.63 -4.85
N PRO C 225 -1.65 -2.93 -4.55
CA PRO C 225 -0.66 -3.35 -3.56
C PRO C 225 0.78 -3.19 -4.02
N HIS C 226 0.97 -2.82 -5.29
CA HIS C 226 2.31 -2.73 -5.89
C HIS C 226 2.55 -1.45 -6.68
N LEU C 227 1.48 -0.70 -6.97
CA LEU C 227 1.54 0.46 -7.85
C LEU C 227 0.91 1.72 -7.23
N PRO C 228 1.17 2.90 -7.83
CA PRO C 228 0.47 4.13 -7.42
C PRO C 228 -0.91 4.25 -8.04
N GLY C 229 -1.75 5.10 -7.43
CA GLY C 229 -3.06 5.44 -7.99
C GLY C 229 -4.18 4.49 -7.64
N LYS C 230 -5.41 4.90 -7.95
CA LYS C 230 -6.59 4.12 -7.60
C LYS C 230 -7.11 3.29 -8.80
N HIS C 231 -7.28 1.99 -8.57
CA HIS C 231 -7.67 1.06 -9.61
C HIS C 231 -9.00 0.41 -9.31
N ALA C 232 -9.81 0.22 -10.36
CA ALA C 232 -11.02 -0.57 -10.24
C ALA C 232 -10.59 -2.03 -10.10
N SER C 233 -11.29 -2.79 -9.28
CA SER C 233 -10.90 -4.17 -9.01
C SER C 233 -12.07 -5.06 -8.60
N VAL C 234 -12.08 -6.27 -9.17
CA VAL C 234 -13.03 -7.30 -8.79
C VAL C 234 -12.58 -7.90 -7.45
N HIS C 235 -13.43 -7.80 -6.44
CA HIS C 235 -13.08 -8.28 -5.10
C HIS C 235 -13.02 -9.81 -5.06
N PRO C 236 -11.95 -10.37 -4.45
CA PRO C 236 -11.68 -11.81 -4.54
C PRO C 236 -12.42 -12.70 -3.56
N CYS C 237 -13.16 -12.12 -2.62
CA CYS C 237 -13.76 -12.90 -1.53
C CYS C 237 -14.61 -14.09 -2.01
N ARG C 238 -15.17 -13.96 -3.21
CA ARG C 238 -16.01 -15.02 -3.77
C ARG C 238 -15.29 -15.96 -4.75
N HIS C 239 -14.04 -15.64 -5.09
CA HIS C 239 -13.26 -16.39 -6.07
C HIS C 239 -13.03 -17.84 -5.66
N GLY C 240 -12.80 -18.06 -4.36
CA GLY C 240 -12.59 -19.40 -3.82
C GLY C 240 -13.76 -20.32 -4.13
N ALA C 241 -14.96 -19.88 -3.74
CA ALA C 241 -16.21 -20.60 -3.99
C ALA C 241 -16.42 -20.84 -5.48
N VAL C 242 -16.16 -19.80 -6.27
CA VAL C 242 -16.26 -19.85 -7.74
C VAL C 242 -15.35 -20.94 -8.32
N MET C 243 -14.09 -20.93 -7.90
CA MET C 243 -13.10 -21.90 -8.36
C MET C 243 -13.46 -23.32 -7.93
N LYS C 244 -14.06 -23.47 -6.75
CA LYS C 244 -14.48 -24.77 -6.24
C LYS C 244 -15.59 -25.37 -7.11
N LYS C 245 -16.49 -24.50 -7.58
CA LYS C 245 -17.58 -24.92 -8.46
C LYS C 245 -17.03 -25.38 -9.81
N ILE C 246 -16.14 -24.59 -10.40
CA ILE C 246 -15.51 -24.91 -11.69
C ILE C 246 -14.68 -26.19 -11.63
N ILE C 247 -13.97 -26.39 -10.52
CA ILE C 247 -13.23 -27.64 -10.29
C ILE C 247 -14.20 -28.83 -10.25
N ASP C 248 -15.23 -28.72 -9.39
CA ASP C 248 -16.27 -29.75 -9.29
C ASP C 248 -16.81 -30.15 -10.65
N VAL C 249 -17.21 -29.17 -11.45
CA VAL C 249 -17.81 -29.39 -12.76
C VAL C 249 -16.86 -30.15 -13.69
N LEU C 250 -15.59 -29.74 -13.70
CA LEU C 250 -14.60 -30.38 -14.57
C LEU C 250 -14.24 -31.79 -14.12
N MET C 251 -14.18 -32.01 -12.81
CA MET C 251 -13.79 -33.31 -12.25
C MET C 251 -14.66 -34.47 -12.74
N SER C 252 -15.97 -34.28 -12.70
CA SER C 252 -16.92 -35.32 -13.13
C SER C 252 -16.94 -35.50 -14.65
N ARG C 253 -16.70 -34.41 -15.39
CA ARG C 253 -16.55 -34.48 -16.85
C ARG C 253 -15.36 -35.35 -17.27
N GLY C 254 -14.47 -35.64 -16.32
CA GLY C 254 -13.28 -36.45 -16.59
C GLY C 254 -11.99 -35.65 -16.58
N VAL C 255 -12.11 -34.34 -16.73
CA VAL C 255 -10.97 -33.44 -16.71
C VAL C 255 -10.52 -33.22 -15.25
N GLU C 256 -9.27 -33.56 -14.96
CA GLU C 256 -8.72 -33.33 -13.63
C GLU C 256 -7.63 -32.26 -13.74
N PRO C 257 -8.01 -30.99 -13.45
CA PRO C 257 -7.06 -29.89 -13.60
C PRO C 257 -6.14 -29.77 -12.40
N GLU C 258 -4.85 -29.53 -12.67
CA GLU C 258 -3.88 -29.28 -11.62
C GLU C 258 -3.63 -27.79 -11.44
N VAL C 259 -3.04 -27.42 -10.30
CA VAL C 259 -2.92 -26.02 -9.88
C VAL C 259 -2.11 -25.15 -10.83
N ASP C 260 -1.31 -25.78 -11.68
CA ASP C 260 -0.50 -25.04 -12.66
C ASP C 260 -1.37 -24.43 -13.76
N LYS C 261 -2.68 -24.59 -13.64
CA LYS C 261 -3.63 -24.09 -14.64
C LYS C 261 -4.68 -23.16 -14.04
N TYR C 262 -4.57 -22.91 -12.74
CA TYR C 262 -5.50 -22.06 -12.00
C TYR C 262 -5.87 -20.79 -12.78
N LEU C 263 -4.86 -20.05 -13.24
CA LEU C 263 -5.08 -18.76 -13.89
C LEU C 263 -5.86 -18.83 -15.20
N PHE C 264 -5.68 -19.92 -15.95
CA PHE C 264 -6.42 -20.15 -17.19
C PHE C 264 -7.91 -20.34 -16.91
N LEU C 265 -8.21 -21.06 -15.83
CA LEU C 265 -9.59 -21.22 -15.37
C LEU C 265 -10.08 -19.89 -14.81
N PHE C 266 -9.28 -19.28 -13.94
CA PHE C 266 -9.60 -18.00 -13.31
C PHE C 266 -9.97 -16.92 -14.34
N LEU C 267 -9.22 -16.87 -15.44
CA LEU C 267 -9.44 -15.84 -16.44
C LEU C 267 -10.63 -16.13 -17.34
N LYS C 268 -10.95 -17.41 -17.54
CA LYS C 268 -12.14 -17.78 -18.32
C LYS C 268 -13.41 -17.34 -17.58
N PHE C 269 -13.41 -17.52 -16.26
CA PHE C 269 -14.52 -17.06 -15.42
C PHE C 269 -14.60 -15.54 -15.40
N MET C 270 -13.45 -14.89 -15.37
CA MET C 270 -13.39 -13.42 -15.33
C MET C 270 -13.95 -12.78 -16.60
N ALA C 271 -13.94 -13.54 -17.71
CA ALA C 271 -14.48 -13.09 -18.99
C ALA C 271 -15.97 -12.77 -18.91
N SER C 272 -16.68 -13.46 -18.01
CA SER C 272 -18.10 -13.19 -17.78
C SER C 272 -18.31 -11.90 -16.98
N VAL C 273 -17.28 -11.48 -16.23
CA VAL C 273 -17.33 -10.24 -15.46
C VAL C 273 -16.92 -9.03 -16.32
N ILE C 274 -15.94 -9.23 -17.18
CA ILE C 274 -15.52 -8.19 -18.13
C ILE C 274 -15.52 -8.71 -19.58
N PRO C 275 -16.72 -8.92 -20.16
CA PRO C 275 -16.81 -9.60 -21.47
C PRO C 275 -16.13 -8.90 -22.65
N THR C 276 -16.08 -7.56 -22.63
CA THR C 276 -15.58 -6.80 -23.78
C THR C 276 -14.09 -6.46 -23.75
N ILE C 277 -13.44 -6.70 -22.61
CA ILE C 277 -11.98 -6.55 -22.51
C ILE C 277 -11.33 -7.81 -23.09
N GLU C 278 -10.53 -7.63 -24.12
CA GLU C 278 -10.01 -8.75 -24.92
C GLU C 278 -8.57 -9.17 -24.55
N TYR C 279 -8.40 -9.67 -23.34
CA TYR C 279 -7.12 -10.21 -22.88
C TYR C 279 -6.95 -11.66 -23.34
N ASP C 280 -5.78 -12.25 -23.09
CA ASP C 280 -5.51 -13.60 -23.59
C ASP C 280 -5.62 -14.68 -22.52
N TYR C 281 -6.17 -15.82 -22.92
CA TYR C 281 -6.19 -17.05 -22.13
C TYR C 281 -6.53 -18.23 -23.04
N THR C 282 -5.86 -19.36 -22.85
CA THR C 282 -6.13 -20.55 -23.67
C THR C 282 -6.62 -21.71 -22.81
N MET C 283 -7.24 -22.69 -23.46
CA MET C 283 -7.84 -23.84 -22.78
C MET C 283 -7.63 -25.13 -23.58
N MET D 4 -15.68 26.36 -1.35
CA MET D 4 -17.10 25.91 -1.21
C MET D 4 -17.32 24.47 -1.71
N ALA D 5 -16.23 23.69 -1.74
CA ALA D 5 -16.29 22.28 -2.14
C ALA D 5 -17.03 21.43 -1.09
N PHE D 6 -16.98 21.90 0.16
CA PHE D 6 -17.61 21.22 1.29
C PHE D 6 -19.14 21.24 1.20
N LYS D 7 -19.72 22.41 0.98
CA LYS D 7 -21.18 22.57 0.89
C LYS D 7 -21.74 22.01 -0.42
N GLU D 8 -20.93 22.03 -1.48
CA GLU D 8 -21.36 21.60 -2.82
C GLU D 8 -21.61 20.10 -2.95
N LYS D 9 -20.67 19.29 -2.47
CA LYS D 9 -20.77 17.83 -2.61
C LYS D 9 -20.31 17.02 -1.39
N GLY D 10 -20.15 17.68 -0.25
CA GLY D 10 -19.82 17.02 1.00
C GLY D 10 -18.48 16.32 1.04
N VAL D 11 -17.42 17.04 0.67
CA VAL D 11 -16.06 16.49 0.64
C VAL D 11 -15.05 17.36 1.37
N LEU D 12 -14.09 16.71 2.02
CA LEU D 12 -12.96 17.38 2.65
C LEU D 12 -11.79 17.49 1.70
N SER D 13 -10.98 18.53 1.87
CA SER D 13 -9.69 18.58 1.21
C SER D 13 -8.66 17.99 2.19
N VAL D 14 -7.41 17.85 1.76
CA VAL D 14 -6.36 17.37 2.66
C VAL D 14 -6.25 18.23 3.93
N SER D 15 -6.28 19.54 3.74
CA SER D 15 -6.16 20.50 4.84
C SER D 15 -7.40 20.52 5.74
N GLU D 16 -8.57 20.42 5.12
CA GLU D 16 -9.84 20.36 5.86
C GLU D 16 -9.92 19.11 6.73
N PHE D 17 -9.45 17.99 6.19
CA PHE D 17 -9.39 16.72 6.92
C PHE D 17 -8.54 16.83 8.20
N VAL D 18 -7.40 17.51 8.10
CA VAL D 18 -6.50 17.69 9.25
C VAL D 18 -7.19 18.53 10.34
N LEU D 19 -7.80 19.64 9.93
CA LEU D 19 -8.47 20.55 10.85
C LEU D 19 -9.72 19.94 11.49
N ALA D 20 -10.43 19.11 10.73
CA ALA D 20 -11.56 18.35 11.25
C ALA D 20 -11.08 17.20 12.14
N GLY D 21 -9.82 16.80 11.94
CA GLY D 21 -9.19 15.77 12.76
C GLY D 21 -8.80 16.34 14.12
N ASP D 22 -8.04 17.43 14.08
CA ASP D 22 -7.64 18.15 15.30
C ASP D 22 -8.83 18.45 16.21
N ASN D 23 -9.96 18.79 15.60
CA ASN D 23 -11.20 19.04 16.32
C ASN D 23 -11.72 17.80 17.04
N LEU D 24 -11.77 16.68 16.32
CA LEU D 24 -12.20 15.39 16.89
C LEU D 24 -11.26 14.92 18.01
N VAL D 25 -9.97 15.17 17.84
CA VAL D 25 -8.98 14.87 18.87
C VAL D 25 -9.30 15.64 20.14
N SER D 26 -9.51 16.94 20.01
CA SER D 26 -9.77 17.83 21.14
C SER D 26 -11.04 17.50 21.91
N LYS D 27 -12.16 17.40 21.20
CA LYS D 27 -13.46 17.22 21.84
C LYS D 27 -13.79 15.77 22.27
N CYS D 28 -13.11 14.81 21.64
CA CYS D 28 -13.21 13.40 22.03
C CYS D 28 -11.80 12.80 22.09
N PRO D 29 -11.04 13.09 23.17
CA PRO D 29 -9.59 12.80 23.21
C PRO D 29 -9.27 11.31 23.25
N THR D 30 -10.31 10.49 23.15
CA THR D 30 -10.18 9.06 22.96
C THR D 30 -9.54 8.72 21.60
N TRP D 31 -9.55 9.69 20.68
CA TRP D 31 -8.93 9.56 19.36
C TRP D 31 -7.51 10.14 19.36
N SER D 32 -6.64 9.55 18.55
CA SER D 32 -5.24 9.95 18.49
C SER D 32 -4.74 10.04 17.04
N TRP D 33 -3.81 10.93 16.79
CA TRP D 33 -3.10 10.97 15.52
C TRP D 33 -2.04 9.87 15.49
N GLU D 34 -1.69 9.41 14.29
CA GLU D 34 -0.63 8.41 14.11
C GLU D 34 0.27 8.74 12.92
N SER D 35 1.35 7.98 12.80
CA SER D 35 2.25 8.10 11.67
C SER D 35 2.13 6.88 10.75
N GLY D 36 1.69 5.77 11.32
CA GLY D 36 1.63 4.49 10.61
C GLY D 36 3.03 3.97 10.30
N ASP D 37 3.14 3.14 9.26
CA ASP D 37 4.43 2.66 8.81
C ASP D 37 5.15 3.77 8.03
N ALA D 38 6.40 4.01 8.40
CA ALA D 38 7.22 5.05 7.79
C ALA D 38 7.31 4.90 6.26
N SER D 39 7.27 3.66 5.78
CA SER D 39 7.32 3.37 4.35
C SER D 39 5.98 3.62 3.65
N LYS D 40 4.92 3.75 4.43
CA LYS D 40 3.57 3.94 3.89
C LYS D 40 3.06 5.38 4.03
N ARG D 41 3.94 6.27 4.48
CA ARG D 41 3.58 7.67 4.69
C ARG D 41 3.25 8.39 3.38
N LYS D 42 2.12 9.08 3.37
CA LYS D 42 1.72 9.89 2.23
C LYS D 42 2.33 11.29 2.37
N PRO D 43 3.00 11.78 1.29
CA PRO D 43 3.68 13.08 1.30
C PRO D 43 2.74 14.28 1.42
N TYR D 44 1.49 14.11 0.97
CA TYR D 44 0.48 15.18 1.01
C TYR D 44 -0.10 15.40 2.42
N LEU D 45 0.44 14.69 3.40
CA LEU D 45 0.07 14.84 4.80
C LEU D 45 1.32 14.93 5.67
N PRO D 46 1.23 15.61 6.84
CA PRO D 46 2.35 15.64 7.77
C PRO D 46 2.65 14.26 8.35
N SER D 47 3.88 14.04 8.78
CA SER D 47 4.33 12.74 9.28
C SER D 47 3.55 12.27 10.50
N ASP D 48 3.43 13.14 11.50
CA ASP D 48 2.79 12.78 12.77
C ASP D 48 1.26 12.90 12.73
N LYS D 49 0.71 13.27 11.57
CA LYS D 49 -0.72 13.44 11.40
C LYS D 49 -1.23 12.73 10.14
N GLN D 50 -1.03 11.42 10.08
CA GLN D 50 -1.42 10.62 8.91
C GLN D 50 -2.87 10.13 9.00
N PHE D 51 -3.24 9.52 10.12
CA PHE D 51 -4.60 9.04 10.33
C PHE D 51 -5.01 9.06 11.80
N LEU D 52 -6.32 8.96 12.05
CA LEU D 52 -6.87 9.00 13.40
C LEU D 52 -7.17 7.59 13.91
N ILE D 53 -6.80 7.34 15.17
CA ILE D 53 -6.97 6.01 15.77
C ILE D 53 -7.57 6.09 17.18
N THR D 54 -8.61 5.29 17.42
CA THR D 54 -9.07 5.05 18.77
C THR D 54 -8.97 3.55 19.07
N ARG D 55 -8.38 3.22 20.22
CA ARG D 55 -8.12 1.84 20.59
C ARG D 55 -9.06 1.34 21.68
N ASN D 56 -9.08 0.03 21.88
CA ASN D 56 -9.79 -0.62 22.98
C ASN D 56 -11.26 -0.22 23.14
N VAL D 57 -11.92 0.00 22.02
CA VAL D 57 -13.32 0.43 22.01
C VAL D 57 -14.23 -0.80 22.20
N PRO D 58 -15.08 -0.77 23.24
CA PRO D 58 -15.94 -1.90 23.60
C PRO D 58 -17.05 -2.19 22.59
N CYS D 59 -17.43 -3.47 22.51
CA CYS D 59 -18.56 -3.91 21.70
C CYS D 59 -19.23 -5.07 22.42
N LEU D 60 -20.16 -4.73 23.31
CA LEU D 60 -20.80 -5.70 24.21
C LEU D 60 -21.84 -6.55 23.49
N ARG D 61 -22.56 -5.93 22.56
CA ARG D 61 -23.69 -6.58 21.88
C ARG D 61 -23.40 -6.80 20.39
N ARG D 62 -24.29 -7.55 19.74
CA ARG D 62 -24.18 -7.83 18.31
C ARG D 62 -25.13 -6.93 17.52
N ALA D 63 -24.96 -6.90 16.20
CA ALA D 63 -25.79 -6.06 15.33
C ALA D 63 -27.27 -6.47 15.34
N ALA D 64 -27.53 -7.77 15.50
CA ALA D 64 -28.88 -8.30 15.59
C ALA D 64 -29.62 -7.80 16.83
N SER D 65 -28.90 -7.71 17.94
CA SER D 65 -29.44 -7.19 19.19
C SER D 65 -29.44 -5.66 19.20
N ARG D 170 -21.24 -12.18 25.15
CA ARG D 170 -19.80 -12.14 24.88
C ARG D 170 -19.39 -10.78 24.32
N THR D 171 -18.50 -10.10 25.03
CA THR D 171 -18.06 -8.77 24.64
C THR D 171 -16.81 -8.80 23.76
N ARG D 172 -16.69 -7.80 22.90
CA ARG D 172 -15.53 -7.64 22.03
C ARG D 172 -14.87 -6.28 22.30
N THR D 173 -13.74 -6.06 21.65
CA THR D 173 -13.09 -4.75 21.67
C THR D 173 -12.51 -4.41 20.30
N TYR D 174 -12.71 -3.16 19.88
CA TYR D 174 -12.32 -2.71 18.54
C TYR D 174 -11.28 -1.59 18.57
N ASP D 175 -10.40 -1.62 17.57
CA ASP D 175 -9.55 -0.48 17.26
C ASP D 175 -10.08 0.11 15.96
N LEU D 176 -10.61 1.33 16.04
CA LEU D 176 -11.09 2.01 14.83
C LEU D 176 -10.05 3.01 14.34
N SER D 177 -9.85 3.02 13.03
CA SER D 177 -9.00 4.03 12.40
C SER D 177 -9.75 4.77 11.29
N ILE D 178 -9.46 6.07 11.18
CA ILE D 178 -10.02 6.91 10.11
C ILE D 178 -8.90 7.46 9.24
N THR D 179 -8.91 7.08 7.97
CA THR D 179 -7.92 7.54 7.01
C THR D 179 -8.57 8.53 6.05
N TYR D 180 -7.76 9.22 5.25
CA TYR D 180 -8.29 10.12 4.23
C TYR D 180 -8.07 9.54 2.84
N ASP D 181 -9.13 9.56 2.02
CA ASP D 181 -9.08 9.07 0.66
C ASP D 181 -8.94 10.24 -0.33
N LYS D 182 -7.77 10.35 -0.96
CA LYS D 182 -7.51 11.43 -1.92
C LYS D 182 -8.43 11.38 -3.14
N TYR D 183 -8.91 10.19 -3.47
CA TYR D 183 -9.76 10.00 -4.64
C TYR D 183 -11.18 10.50 -4.39
N TYR D 184 -11.83 9.92 -3.38
CA TYR D 184 -13.21 10.28 -3.05
C TYR D 184 -13.31 11.57 -2.23
N GLN D 185 -12.18 11.99 -1.67
CA GLN D 185 -12.07 13.22 -0.85
C GLN D 185 -12.96 13.20 0.40
N THR D 186 -13.22 12.00 0.91
CA THR D 186 -13.96 11.82 2.16
C THR D 186 -13.12 10.95 3.08
N PRO D 187 -13.41 10.98 4.41
CA PRO D 187 -12.73 10.10 5.34
C PRO D 187 -13.19 8.65 5.18
N ARG D 188 -12.40 7.71 5.71
CA ARG D 188 -12.74 6.29 5.63
C ARG D 188 -12.48 5.57 6.95
N VAL D 189 -13.46 4.77 7.38
CA VAL D 189 -13.37 4.03 8.64
C VAL D 189 -12.90 2.58 8.44
N TRP D 190 -11.77 2.26 9.06
CA TRP D 190 -11.23 0.91 9.12
C TRP D 190 -11.40 0.37 10.53
N LEU D 191 -11.82 -0.89 10.65
CA LEU D 191 -12.00 -1.49 11.97
C LEU D 191 -11.39 -2.87 12.15
N THR D 192 -10.49 -2.96 13.13
CA THR D 192 -9.83 -4.21 13.50
C THR D 192 -10.34 -4.70 14.86
N GLY D 193 -10.98 -5.86 14.85
CA GLY D 193 -11.69 -6.37 16.02
C GLY D 193 -10.97 -7.44 16.83
N TYR D 194 -11.15 -7.36 18.15
CA TYR D 194 -10.56 -8.31 19.10
C TYR D 194 -11.65 -8.96 19.95
N ASP D 195 -11.38 -10.17 20.41
CA ASP D 195 -12.31 -10.91 21.27
C ASP D 195 -12.10 -10.55 22.75
N GLU D 196 -12.79 -11.28 23.63
CA GLU D 196 -12.72 -11.06 25.08
C GLU D 196 -11.33 -11.17 25.70
N SER D 197 -10.45 -11.95 25.07
CA SER D 197 -9.08 -12.15 25.56
C SER D 197 -8.01 -11.40 24.74
N ARG D 198 -8.42 -10.32 24.09
CA ARG D 198 -7.53 -9.42 23.34
C ARG D 198 -6.70 -10.07 22.23
N MET D 199 -7.31 -11.05 21.55
CA MET D 199 -6.71 -11.69 20.38
C MET D 199 -7.44 -11.22 19.14
N LEU D 200 -6.74 -11.20 18.00
CA LEU D 200 -7.36 -10.80 16.74
C LEU D 200 -8.51 -11.69 16.32
N LEU D 201 -9.59 -11.07 15.86
CA LEU D 201 -10.67 -11.79 15.20
C LEU D 201 -10.42 -11.73 13.72
N GLN D 202 -10.79 -12.80 13.02
CA GLN D 202 -10.77 -12.80 11.55
C GLN D 202 -11.78 -11.77 11.05
N PRO D 203 -11.36 -10.89 10.11
CA PRO D 203 -12.21 -9.81 9.59
C PRO D 203 -13.59 -10.26 9.12
N GLU D 204 -13.76 -11.56 8.88
CA GLU D 204 -15.05 -12.15 8.51
C GLU D 204 -16.04 -12.06 9.68
N LEU D 205 -15.52 -12.22 10.89
CA LEU D 205 -16.33 -12.22 12.11
C LEU D 205 -16.85 -10.83 12.49
N VAL D 206 -16.15 -9.79 12.01
CA VAL D 206 -16.51 -8.39 12.25
C VAL D 206 -17.84 -8.02 11.60
N MET D 207 -18.24 -8.79 10.58
CA MET D 207 -19.48 -8.56 9.84
C MET D 207 -20.73 -8.65 10.72
N GLU D 208 -20.62 -9.38 11.83
CA GLU D 208 -21.70 -9.52 12.79
C GLU D 208 -21.98 -8.24 13.59
N ASP D 209 -21.06 -7.28 13.49
CA ASP D 209 -21.19 -6.00 14.20
C ASP D 209 -21.48 -4.84 13.25
N VAL D 210 -21.69 -5.16 11.97
CA VAL D 210 -22.08 -4.18 10.97
C VAL D 210 -23.56 -4.36 10.65
N SER D 211 -24.31 -3.26 10.72
CA SER D 211 -25.75 -3.27 10.47
C SER D 211 -26.08 -3.63 9.03
N GLN D 212 -26.68 -4.81 8.85
CA GLN D 212 -27.10 -5.31 7.54
C GLN D 212 -28.39 -4.61 7.07
N ASP D 213 -28.37 -4.13 5.83
CA ASP D 213 -29.49 -3.37 5.27
C ASP D 213 -29.90 -3.85 3.87
N THR D 218 -21.43 -3.05 0.63
CA THR D 218 -20.98 -1.74 1.08
C THR D 218 -19.84 -1.82 2.12
N VAL D 219 -19.49 -3.04 2.53
CA VAL D 219 -18.40 -3.27 3.47
C VAL D 219 -17.44 -4.34 2.94
N THR D 220 -16.17 -3.98 2.78
CA THR D 220 -15.16 -4.85 2.17
C THR D 220 -14.01 -5.21 3.11
N ILE D 221 -13.07 -6.01 2.58
CA ILE D 221 -11.89 -6.44 3.33
C ILE D 221 -10.65 -6.14 2.50
N GLU D 222 -9.79 -5.25 2.98
CA GLU D 222 -8.58 -4.87 2.24
C GLU D 222 -7.39 -4.55 3.14
N ASP D 223 -6.22 -4.35 2.52
CA ASP D 223 -5.03 -3.82 3.20
C ASP D 223 -5.32 -2.44 3.78
N HIS D 224 -4.64 -2.09 4.87
CA HIS D 224 -4.71 -0.76 5.42
C HIS D 224 -3.69 0.14 4.71
N PRO D 225 -4.08 1.38 4.37
CA PRO D 225 -3.19 2.31 3.68
C PRO D 225 -1.95 2.70 4.50
N HIS D 226 -1.95 2.35 5.79
CA HIS D 226 -0.88 2.73 6.71
C HIS D 226 -0.40 1.58 7.62
N LEU D 227 -1.20 0.52 7.72
CA LEU D 227 -0.94 -0.55 8.70
C LEU D 227 -0.88 -1.95 8.09
N PRO D 228 -0.09 -2.85 8.71
CA PRO D 228 -0.05 -4.24 8.24
C PRO D 228 -1.38 -4.93 8.49
N GLY D 229 -1.54 -6.14 7.95
CA GLY D 229 -2.72 -6.95 8.19
C GLY D 229 -3.91 -6.59 7.32
N LYS D 230 -4.96 -7.41 7.42
CA LYS D 230 -6.16 -7.21 6.64
C LYS D 230 -7.31 -6.79 7.55
N HIS D 231 -8.01 -5.72 7.15
CA HIS D 231 -9.02 -5.07 7.99
C HIS D 231 -10.34 -4.87 7.24
N ALA D 232 -11.45 -5.01 7.97
CA ALA D 232 -12.77 -4.70 7.42
C ALA D 232 -12.98 -3.19 7.37
N SER D 233 -13.67 -2.72 6.32
CA SER D 233 -13.87 -1.28 6.11
C SER D 233 -15.15 -1.01 5.34
N VAL D 234 -15.87 0.03 5.77
CA VAL D 234 -17.03 0.53 5.04
C VAL D 234 -16.50 1.39 3.89
N HIS D 235 -16.89 1.05 2.67
CA HIS D 235 -16.34 1.70 1.48
C HIS D 235 -16.83 3.14 1.31
N PRO D 236 -15.90 4.07 1.03
CA PRO D 236 -16.20 5.51 1.01
C PRO D 236 -16.92 6.03 -0.26
N CYS D 237 -17.28 5.14 -1.18
CA CYS D 237 -17.87 5.54 -2.46
C CYS D 237 -19.17 6.34 -2.34
N ARG D 238 -19.96 6.02 -1.32
CA ARG D 238 -21.25 6.70 -1.11
C ARG D 238 -21.21 7.80 -0.05
N HIS D 239 -20.03 8.05 0.52
CA HIS D 239 -19.89 9.03 1.60
C HIS D 239 -20.17 10.47 1.19
N GLY D 240 -19.81 10.82 -0.05
CA GLY D 240 -20.03 12.17 -0.56
C GLY D 240 -21.51 12.53 -0.65
N ALA D 241 -22.30 11.61 -1.19
CA ALA D 241 -23.74 11.81 -1.38
C ALA D 241 -24.50 11.91 -0.06
N VAL D 242 -24.07 11.11 0.92
CA VAL D 242 -24.71 11.05 2.25
C VAL D 242 -24.40 12.30 3.06
N MET D 243 -23.13 12.73 3.04
CA MET D 243 -22.69 13.96 3.70
C MET D 243 -23.38 15.19 3.13
N LYS D 244 -23.61 15.19 1.82
CA LYS D 244 -24.34 16.25 1.15
C LYS D 244 -25.75 16.36 1.72
N LYS D 245 -26.44 15.23 1.78
CA LYS D 245 -27.82 15.17 2.28
C LYS D 245 -27.93 15.62 3.74
N ILE D 246 -26.89 15.35 4.52
CA ILE D 246 -26.86 15.79 5.92
C ILE D 246 -26.69 17.30 6.01
N ILE D 247 -25.70 17.86 5.31
CA ILE D 247 -25.50 19.31 5.25
C ILE D 247 -26.80 20.04 4.89
N ASP D 248 -27.51 19.50 3.89
CA ASP D 248 -28.79 20.08 3.45
C ASP D 248 -29.84 20.11 4.56
N VAL D 249 -29.96 19.00 5.29
CA VAL D 249 -30.94 18.86 6.37
C VAL D 249 -30.68 19.85 7.51
N LEU D 250 -29.40 20.04 7.83
CA LEU D 250 -29.01 20.98 8.87
C LEU D 250 -29.27 22.43 8.46
N MET D 251 -29.07 22.73 7.17
CA MET D 251 -29.34 24.07 6.64
C MET D 251 -30.83 24.38 6.61
N SER D 252 -31.64 23.40 6.21
CA SER D 252 -33.10 23.55 6.18
C SER D 252 -33.72 23.64 7.57
N ARG D 253 -32.96 23.19 8.58
CA ARG D 253 -33.32 23.38 9.98
C ARG D 253 -32.65 24.65 10.53
N GLY D 254 -31.99 25.40 9.65
CA GLY D 254 -31.37 26.67 9.99
C GLY D 254 -30.15 26.54 10.88
N VAL D 255 -29.24 25.66 10.50
CA VAL D 255 -27.97 25.50 11.21
C VAL D 255 -26.81 25.47 10.21
N GLU D 256 -25.93 26.47 10.29
CA GLU D 256 -24.73 26.54 9.45
C GLU D 256 -23.77 25.40 9.75
N PRO D 257 -23.46 24.57 8.74
CA PRO D 257 -22.51 23.49 8.93
C PRO D 257 -21.08 23.94 8.66
N GLU D 258 -20.21 23.78 9.64
CA GLU D 258 -18.81 24.17 9.50
C GLU D 258 -17.92 22.98 9.19
N VAL D 259 -16.97 23.20 8.28
CA VAL D 259 -16.11 22.13 7.76
C VAL D 259 -15.25 21.46 8.84
N ASP D 260 -14.98 22.18 9.92
CA ASP D 260 -14.23 21.64 11.05
C ASP D 260 -15.02 20.58 11.85
N LYS D 261 -16.34 20.59 11.70
CA LYS D 261 -17.21 19.65 12.42
C LYS D 261 -17.63 18.46 11.57
N TYR D 262 -16.94 18.25 10.45
CA TYR D 262 -17.23 17.18 9.50
C TYR D 262 -17.20 15.80 10.14
N LEU D 263 -16.13 15.52 10.88
CA LEU D 263 -15.90 14.18 11.44
C LEU D 263 -16.80 13.83 12.62
N PHE D 264 -17.60 14.79 13.07
CA PHE D 264 -18.60 14.53 14.10
C PHE D 264 -19.89 14.03 13.46
N LEU D 265 -20.29 14.70 12.37
CA LEU D 265 -21.47 14.32 11.61
C LEU D 265 -21.24 12.99 10.93
N PHE D 266 -20.03 12.80 10.42
CA PHE D 266 -19.63 11.55 9.78
C PHE D 266 -19.70 10.36 10.74
N LEU D 267 -19.13 10.53 11.93
CA LEU D 267 -19.15 9.49 12.95
C LEU D 267 -20.54 9.24 13.53
N LYS D 268 -21.40 10.26 13.44
CA LYS D 268 -22.78 10.13 13.87
C LYS D 268 -23.54 9.27 12.87
N PHE D 269 -23.28 9.51 11.58
CA PHE D 269 -23.84 8.69 10.51
C PHE D 269 -23.38 7.24 10.66
N MET D 270 -22.09 7.06 10.94
CA MET D 270 -21.47 5.74 11.06
C MET D 270 -22.07 4.88 12.17
N ALA D 271 -22.68 5.52 13.15
CA ALA D 271 -23.32 4.82 14.27
C ALA D 271 -24.46 3.91 13.81
N SER D 272 -25.12 4.29 12.72
CA SER D 272 -26.20 3.48 12.14
C SER D 272 -25.64 2.33 11.28
N VAL D 273 -24.34 2.36 11.01
CA VAL D 273 -23.64 1.26 10.34
C VAL D 273 -23.04 0.32 11.38
N ILE D 274 -22.41 0.88 12.40
CA ILE D 274 -21.85 0.10 13.51
C ILE D 274 -22.42 0.54 14.87
N PRO D 275 -23.63 0.04 15.21
CA PRO D 275 -24.40 0.53 16.35
C PRO D 275 -23.92 0.07 17.72
N THR D 276 -23.16 -1.02 17.77
CA THR D 276 -22.72 -1.61 19.03
C THR D 276 -21.30 -1.18 19.43
N ILE D 277 -20.49 -0.81 18.45
CA ILE D 277 -19.13 -0.30 18.70
C ILE D 277 -19.26 1.09 19.33
N GLU D 278 -18.79 1.23 20.56
CA GLU D 278 -19.05 2.43 21.36
C GLU D 278 -17.90 3.46 21.33
N TYR D 279 -17.64 3.98 20.14
CA TYR D 279 -16.63 5.03 19.93
C TYR D 279 -17.24 6.40 20.24
N ASP D 280 -16.42 7.34 20.67
CA ASP D 280 -16.92 8.64 21.16
C ASP D 280 -17.01 9.71 20.08
N TYR D 281 -18.10 10.46 20.12
CA TYR D 281 -18.35 11.62 19.24
C TYR D 281 -19.31 12.61 19.89
N THR D 282 -18.92 13.89 19.92
CA THR D 282 -19.72 14.94 20.54
C THR D 282 -20.57 15.70 19.53
N MET D 283 -21.49 16.54 20.02
CA MET D 283 -22.36 17.34 19.17
C MET D 283 -22.29 18.83 19.57
#